data_5EYB
#
_entry.id   5EYB
#
_cell.length_a   68.959
_cell.length_b   162.911
_cell.length_c   71.086
_cell.angle_alpha   90.00
_cell.angle_beta   94.66
_cell.angle_gamma   90.00
#
_symmetry.space_group_name_H-M   'P 1 21 1'
#
loop_
_entity.id
_entity.type
_entity.pdbx_description
1 polymer 'DNA-binding protein reb1'
2 polymer 'DNA (26-MER)'
3 polymer 'DNA (26-MER)'
4 water water
#
loop_
_entity_poly.entity_id
_entity_poly.type
_entity_poly.pdbx_seq_one_letter_code
_entity_poly.pdbx_strand_id
1 'polypeptide(L)'
;GSHMDPFLKGSARWTAEHWDYLERRMQNFCQTYSLDHTQVADSLHEKRLHGPLSSLVKLLVQEMPSFTRRTILRHLRALY
NIPGYEKYSRKNSSGRGDFGVQETAIISQEVHNFIMDQGWSEYQFCNQIWAGKCPKTIRMFYSNLYKKLSHRDAKSIYHH
VRRAYNPFEDRCVWSKEEDEELRKNVVEHGKCWTKIGRKMARMPNDCRDRWRDVVRFGDKLKRNAWSLEEETQLLQIVAE
LRNREDLSSDINWTLVAQMLGTRTRLQCRYKFQQLTKAASKFELQENVWLLERIYDSLLNNGGKIHWENIVKEANGRWTR
DQMLFQFINLKKMIPSYDNLPLLEATKSAIDDFKVVLSGFSN
;
A,B
2 'polydeoxyribonucleotide'
;(DG)(DT)(DA)(DA)(DA)(DA)(DG)(DG)(DT)(DA)(DA)(DG)(DG)(DG)(DT)(DA)(DA)(DT)(DG)(DC)
(DA)(DC)(DT)(DT)(DT)(DT)
;
C,E
3 'polydeoxyribonucleotide'
;(DC)(DA)(DA)(DA)(DA)(DG)(DT)(DG)(DC)(DA)(DT)(DT)(DA)(DC)(DC)(DC)(DT)(DT)(DA)(DC)
(DC)(DT)(DT)(DT)(DT)(DA)
;
D,F
#
# COMPACT_ATOMS: atom_id res chain seq x y z
N ALA A 12 28.98 -1.66 24.95
CA ALA A 12 28.32 -2.61 24.08
C ALA A 12 26.97 -2.07 23.60
N ARG A 13 26.21 -1.49 24.52
CA ARG A 13 24.93 -0.89 24.18
C ARG A 13 24.72 0.41 24.94
N TRP A 14 23.85 1.27 24.42
CA TRP A 14 23.57 2.54 25.05
C TRP A 14 22.71 2.35 26.29
N THR A 15 23.32 2.46 27.46
CA THR A 15 22.65 2.21 28.73
C THR A 15 22.27 3.52 29.40
N ALA A 16 21.78 3.42 30.64
CA ALA A 16 21.39 4.60 31.40
C ALA A 16 22.61 5.45 31.75
N GLU A 17 23.75 4.80 31.92
CA GLU A 17 24.99 5.50 32.26
C GLU A 17 25.42 6.40 31.12
N HIS A 18 25.29 5.90 29.90
CA HIS A 18 25.69 6.65 28.71
C HIS A 18 24.85 7.90 28.52
N TRP A 19 23.58 7.83 28.89
CA TRP A 19 22.71 9.01 28.84
C TRP A 19 23.10 10.01 29.91
N ASP A 20 23.40 9.50 31.10
CA ASP A 20 23.80 10.35 32.21
C ASP A 20 25.12 11.06 31.92
N TYR A 21 26.02 10.36 31.24
CA TYR A 21 27.29 10.94 30.86
C TYR A 21 27.09 12.08 29.85
N LEU A 22 26.24 11.84 28.85
CA LEU A 22 25.96 12.82 27.83
C LEU A 22 25.35 14.08 28.42
N GLU A 23 24.33 13.89 29.25
CA GLU A 23 23.64 15.01 29.89
C GLU A 23 24.58 15.84 30.76
N ARG A 24 25.44 15.16 31.51
CA ARG A 24 26.40 15.84 32.38
C ARG A 24 27.43 16.61 31.55
N ARG A 25 27.93 15.98 30.51
CA ARG A 25 28.93 16.59 29.64
C ARG A 25 28.32 17.78 28.89
N MET A 26 27.00 17.73 28.71
CA MET A 26 26.28 18.79 28.02
C MET A 26 25.98 19.97 28.96
N GLN A 27 25.71 19.65 30.22
CA GLN A 27 25.49 20.69 31.22
C GLN A 27 26.77 21.48 31.45
N ASN A 28 27.89 20.78 31.47
CA ASN A 28 29.20 21.42 31.67
C ASN A 28 29.58 22.24 30.45
N PHE A 29 29.15 21.79 29.28
CA PHE A 29 29.40 22.49 28.03
C PHE A 29 28.72 23.86 28.04
N CYS A 30 27.47 23.89 28.49
CA CYS A 30 26.71 25.13 28.55
C CYS A 30 27.32 26.11 29.53
N GLN A 31 27.72 25.61 30.70
CA GLN A 31 28.31 26.46 31.73
C GLN A 31 29.65 27.03 31.27
N THR A 32 30.40 26.24 30.50
CA THR A 32 31.71 26.65 30.03
C THR A 32 31.62 27.81 29.05
N TYR A 33 30.66 27.75 28.14
CA TYR A 33 30.55 28.75 27.08
C TYR A 33 29.34 29.67 27.27
N SER A 34 28.78 29.67 28.48
CA SER A 34 27.64 30.51 28.84
C SER A 34 26.49 30.37 27.85
N LEU A 35 26.24 29.14 27.42
CA LEU A 35 25.18 28.89 26.45
C LEU A 35 23.96 28.27 27.11
N ASP A 36 22.83 28.33 26.42
CA ASP A 36 21.60 27.72 26.89
C ASP A 36 21.33 26.45 26.08
N HIS A 37 20.50 25.57 26.63
CA HIS A 37 20.13 24.34 25.94
C HIS A 37 19.38 24.62 24.64
N THR A 38 18.77 25.80 24.55
CA THR A 38 18.09 26.18 23.32
C THR A 38 19.09 26.54 22.23
N GLN A 39 20.21 27.14 22.64
CA GLN A 39 21.24 27.54 21.68
C GLN A 39 21.95 26.33 21.10
N VAL A 40 22.12 25.29 21.92
CA VAL A 40 22.74 24.05 21.47
C VAL A 40 21.80 23.31 20.53
N ALA A 41 20.51 23.29 20.87
CA ALA A 41 19.50 22.66 20.02
C ALA A 41 19.40 23.34 18.67
N ASP A 42 19.65 24.65 18.64
CA ASP A 42 19.63 25.40 17.39
C ASP A 42 20.82 25.01 16.51
N SER A 43 21.98 24.82 17.14
CA SER A 43 23.19 24.41 16.43
C SER A 43 23.05 22.99 15.88
N LEU A 44 22.29 22.16 16.59
CA LEU A 44 22.12 20.75 16.22
C LEU A 44 21.07 20.58 15.11
N HIS A 45 20.44 21.67 14.72
CA HIS A 45 19.52 21.64 13.59
C HIS A 45 20.30 21.68 12.28
N GLU A 46 21.53 22.19 12.35
CA GLU A 46 22.39 22.26 11.18
C GLU A 46 23.06 20.91 10.92
N LYS A 47 23.51 20.72 9.68
CA LYS A 47 24.16 19.48 9.30
C LYS A 47 25.62 19.44 9.77
N ARG A 48 26.34 20.52 9.56
CA ARG A 48 27.74 20.61 9.98
C ARG A 48 27.88 21.40 11.28
N LEU A 49 28.66 20.87 12.21
CA LEU A 49 28.89 21.54 13.47
C LEU A 49 30.11 22.44 13.40
N HIS A 50 30.16 23.45 14.26
CA HIS A 50 31.27 24.40 14.27
C HIS A 50 31.68 24.75 15.68
N GLY A 51 32.90 25.28 15.82
CA GLY A 51 33.39 25.78 17.09
C GLY A 51 33.50 24.75 18.18
N PRO A 52 33.11 25.13 19.42
CA PRO A 52 33.22 24.29 20.61
C PRO A 52 32.39 23.02 20.55
N LEU A 53 31.23 23.10 19.91
CA LEU A 53 30.33 21.95 19.81
C LEU A 53 30.98 20.87 18.95
N SER A 54 31.75 21.30 17.96
CA SER A 54 32.52 20.38 17.14
C SER A 54 33.62 19.72 17.96
N SER A 55 34.27 20.51 18.82
CA SER A 55 35.30 20.00 19.70
C SER A 55 34.72 19.03 20.72
N LEU A 56 33.50 19.30 21.16
CA LEU A 56 32.83 18.47 22.17
C LEU A 56 32.53 17.07 21.65
N VAL A 57 32.03 17.00 20.41
CA VAL A 57 31.68 15.72 19.81
C VAL A 57 32.93 14.86 19.64
N LYS A 58 34.01 15.47 19.17
CA LYS A 58 35.29 14.79 19.03
C LYS A 58 35.70 14.13 20.34
N LEU A 59 35.44 14.83 21.45
CA LEU A 59 35.71 14.30 22.78
C LEU A 59 34.83 13.09 23.08
N LEU A 60 33.54 13.23 22.79
CA LEU A 60 32.57 12.16 23.00
C LEU A 60 32.97 10.88 22.25
N VAL A 61 33.37 11.05 21.00
CA VAL A 61 33.80 9.94 20.17
C VAL A 61 34.94 9.19 20.83
N GLN A 62 35.89 9.95 21.38
CA GLN A 62 37.03 9.37 22.08
C GLN A 62 36.62 8.81 23.43
N GLU A 63 35.70 9.49 24.11
CA GLU A 63 35.28 9.09 25.44
C GLU A 63 34.28 7.95 25.43
N MET A 64 33.64 7.72 24.29
CA MET A 64 32.69 6.62 24.16
C MET A 64 33.03 5.72 22.98
N PRO A 65 34.16 4.98 23.10
CA PRO A 65 34.72 4.18 22.00
C PRO A 65 33.79 3.06 21.54
N SER A 66 32.81 2.73 22.36
CA SER A 66 31.90 1.63 22.05
C SER A 66 30.92 2.00 20.94
N PHE A 67 30.95 3.26 20.52
CA PHE A 67 29.99 3.75 19.53
C PHE A 67 30.66 4.61 18.47
N THR A 68 30.01 4.68 17.30
CA THR A 68 30.50 5.49 16.19
C THR A 68 30.11 6.95 16.40
N ARG A 69 30.74 7.86 15.66
CA ARG A 69 30.36 9.26 15.68
C ARG A 69 28.92 9.43 15.21
N ARG A 70 28.54 8.67 14.19
CA ARG A 70 27.20 8.74 13.61
CA ARG A 70 27.20 8.74 13.61
C ARG A 70 26.12 8.43 14.66
N THR A 71 26.34 7.38 15.44
CA THR A 71 25.35 6.99 16.42
C THR A 71 25.39 7.87 17.67
N ILE A 72 26.55 8.43 17.99
CA ILE A 72 26.66 9.36 19.11
C ILE A 72 25.89 10.62 18.79
N LEU A 73 26.03 11.09 17.55
CA LEU A 73 25.30 12.27 17.10
C LEU A 73 23.80 12.04 17.08
N ARG A 74 23.40 10.83 16.69
CA ARG A 74 21.98 10.48 16.65
C ARG A 74 21.37 10.57 18.04
N HIS A 75 22.07 10.05 19.04
CA HIS A 75 21.67 10.21 20.42
C HIS A 75 21.74 11.63 20.90
N LEU A 76 22.76 12.35 20.50
CA LEU A 76 22.89 13.73 20.91
C LEU A 76 21.78 14.60 20.38
N ARG A 77 21.46 14.43 19.11
CA ARG A 77 20.40 15.17 18.47
C ARG A 77 19.04 14.81 18.99
N ALA A 78 18.88 13.57 19.41
CA ALA A 78 17.70 13.09 20.11
C ALA A 78 17.51 13.68 21.50
N LEU A 79 18.59 13.97 22.19
CA LEU A 79 18.55 14.49 23.55
C LEU A 79 17.90 15.85 23.71
N TYR A 80 18.29 16.79 22.85
CA TYR A 80 17.57 18.01 22.55
C TYR A 80 16.74 17.34 21.57
N ASN A 81 15.55 17.80 21.24
CA ASN A 81 14.73 17.00 20.35
C ASN A 81 14.81 17.56 18.96
N ILE A 82 15.36 16.77 18.06
CA ILE A 82 15.46 17.20 16.69
C ILE A 82 14.59 16.25 15.91
N PRO A 83 13.67 16.88 15.07
CA PRO A 83 12.72 15.96 14.47
C PRO A 83 13.40 14.95 13.60
N GLY A 84 12.91 13.73 13.69
CA GLY A 84 13.43 12.63 12.89
C GLY A 84 14.26 11.68 13.72
N TYR A 85 14.79 12.19 14.84
CA TYR A 85 15.67 11.38 15.69
C TYR A 85 14.94 10.83 16.90
N GLU A 86 13.61 10.81 16.84
CA GLU A 86 12.80 10.35 17.96
C GLU A 86 13.13 8.91 18.35
N LYS A 87 13.44 8.07 17.37
CA LYS A 87 13.70 6.66 17.63
C LYS A 87 14.97 6.41 18.42
N TYR A 88 15.85 7.41 18.49
CA TYR A 88 17.11 7.27 19.21
C TYR A 88 17.04 7.91 20.59
N SER A 89 15.85 8.40 20.95
CA SER A 89 15.64 9.08 22.22
C SER A 89 15.69 8.13 23.40
N ARG A 90 15.86 8.69 24.59
CA ARG A 90 15.93 7.90 25.81
C ARG A 90 14.57 7.32 26.20
N LYS A 91 14.56 6.04 26.54
CA LYS A 91 13.35 5.37 27.01
C LYS A 91 13.56 4.82 28.41
N ASN A 92 12.68 5.19 29.34
CA ASN A 92 12.79 4.73 30.73
C ASN A 92 12.24 3.32 30.91
N SER A 93 11.05 3.08 30.38
CA SER A 93 10.40 1.77 30.56
C SER A 93 9.58 1.34 29.35
N SER A 94 9.37 0.03 29.23
CA SER A 94 8.54 -0.54 28.16
C SER A 94 7.95 -1.87 28.61
N GLY A 95 6.85 -2.27 27.99
CA GLY A 95 6.19 -3.52 28.34
C GLY A 95 6.61 -4.67 27.46
N ARG A 96 7.29 -4.35 26.36
CA ARG A 96 7.71 -5.34 25.39
C ARG A 96 8.92 -4.83 24.63
N GLY A 97 9.66 -5.74 24.00
CA GLY A 97 10.82 -5.35 23.24
C GLY A 97 11.97 -4.88 24.11
N ASP A 98 12.78 -3.98 23.57
CA ASP A 98 13.98 -3.51 24.26
C ASP A 98 13.67 -2.97 25.65
N PHE A 99 14.60 -3.18 26.57
CA PHE A 99 14.46 -2.76 27.95
C PHE A 99 14.85 -1.31 28.13
N GLY A 100 13.99 -0.56 28.83
CA GLY A 100 14.26 0.84 29.11
C GLY A 100 15.39 1.00 30.12
N VAL A 101 16.02 2.16 30.11
CA VAL A 101 17.17 2.43 30.96
C VAL A 101 16.84 2.31 32.44
N GLN A 102 15.58 2.54 32.81
CA GLN A 102 15.17 2.45 34.20
C GLN A 102 14.92 0.99 34.58
N GLU A 103 14.52 0.18 33.60
CA GLU A 103 14.30 -1.24 33.84
C GLU A 103 15.61 -1.94 34.13
N THR A 104 16.62 -1.65 33.31
CA THR A 104 17.94 -2.22 33.49
C THR A 104 18.57 -1.73 34.78
N ALA A 105 18.22 -0.52 35.19
CA ALA A 105 18.74 0.04 36.43
C ALA A 105 18.16 -0.69 37.63
N ILE A 106 16.87 -1.00 37.55
CA ILE A 106 16.19 -1.78 38.59
C ILE A 106 16.77 -3.18 38.70
N ILE A 107 17.00 -3.80 37.54
CA ILE A 107 17.58 -5.14 37.51
C ILE A 107 18.98 -5.12 38.12
N SER A 108 19.80 -4.18 37.67
CA SER A 108 21.16 -4.02 38.17
C SER A 108 21.18 -3.74 39.67
N GLN A 109 20.15 -3.06 40.17
CA GLN A 109 20.04 -2.80 41.60
C GLN A 109 19.65 -4.06 42.36
N GLU A 110 18.72 -4.83 41.80
CA GLU A 110 18.27 -6.06 42.42
C GLU A 110 19.38 -7.12 42.44
N VAL A 111 20.10 -7.25 41.33
CA VAL A 111 21.20 -8.20 41.23
C VAL A 111 22.31 -7.84 42.21
N HIS A 112 22.63 -6.55 42.27
CA HIS A 112 23.65 -6.08 43.19
C HIS A 112 23.23 -6.29 44.65
N ASN A 113 21.94 -6.16 44.92
CA ASN A 113 21.41 -6.43 46.26
C ASN A 113 21.46 -7.92 46.57
N PHE A 114 21.08 -8.73 45.60
CA PHE A 114 21.06 -10.18 45.75
C PHE A 114 22.46 -10.75 45.87
N ILE A 115 23.41 -10.15 45.16
CA ILE A 115 24.79 -10.60 45.18
C ILE A 115 25.51 -10.23 46.49
N MET A 116 25.23 -9.03 47.02
CA MET A 116 25.79 -8.59 48.31
C MET A 116 25.26 -9.48 49.41
N ASP A 117 23.97 -9.82 49.31
CA ASP A 117 23.38 -10.82 50.19
C ASP A 117 23.91 -12.17 49.74
N GLN A 118 23.91 -13.15 50.66
CA GLN A 118 24.40 -14.51 50.38
C GLN A 118 25.89 -14.56 50.01
N GLY A 119 26.52 -13.39 49.89
CA GLY A 119 27.96 -13.32 49.66
C GLY A 119 28.45 -13.99 48.40
N TRP A 120 27.92 -13.55 47.26
CA TRP A 120 28.35 -14.07 45.97
C TRP A 120 29.09 -13.02 45.17
N SER A 121 29.90 -13.49 44.23
CA SER A 121 30.50 -12.61 43.23
C SER A 121 29.56 -12.61 42.02
N GLU A 122 29.74 -11.64 41.13
CA GLU A 122 28.88 -11.55 39.96
C GLU A 122 29.11 -12.76 39.05
N TYR A 123 30.32 -13.32 39.09
CA TYR A 123 30.62 -14.52 38.34
C TYR A 123 29.81 -15.69 38.88
N GLN A 124 29.83 -15.86 40.21
CA GLN A 124 29.06 -16.91 40.87
C GLN A 124 27.58 -16.77 40.56
N PHE A 125 27.10 -15.52 40.48
CA PHE A 125 25.72 -15.25 40.15
C PHE A 125 25.36 -15.78 38.76
N CYS A 126 26.22 -15.51 37.78
CA CYS A 126 25.96 -15.91 36.40
C CYS A 126 25.94 -17.43 36.24
N ASN A 127 26.85 -18.11 36.94
CA ASN A 127 26.93 -19.57 36.85
C ASN A 127 25.71 -20.26 37.44
N GLN A 128 25.20 -19.71 38.54
CA GLN A 128 24.02 -20.27 39.18
C GLN A 128 22.77 -20.05 38.34
N ILE A 129 22.72 -18.92 37.64
CA ILE A 129 21.62 -18.66 36.71
C ILE A 129 21.62 -19.72 35.62
N TRP A 130 22.82 -20.03 35.12
CA TRP A 130 22.98 -20.95 34.00
C TRP A 130 23.33 -22.38 34.42
N ALA A 131 23.14 -22.70 35.69
CA ALA A 131 23.50 -24.03 36.21
C ALA A 131 22.43 -25.07 35.91
N GLY A 132 22.03 -25.18 34.64
CA GLY A 132 21.02 -26.14 34.24
C GLY A 132 19.69 -25.91 34.93
N LYS A 133 19.56 -26.41 36.16
CA LYS A 133 18.38 -26.18 36.98
C LYS A 133 18.74 -25.27 38.15
N CYS A 134 18.30 -24.01 38.08
CA CYS A 134 18.63 -23.02 39.09
C CYS A 134 18.11 -23.39 40.47
N PRO A 135 18.84 -23.02 41.53
CA PRO A 135 18.44 -23.32 42.91
C PRO A 135 17.25 -22.47 43.38
N LYS A 136 16.76 -22.76 44.57
CA LYS A 136 15.59 -22.07 45.11
C LYS A 136 15.86 -20.59 45.36
N THR A 137 17.10 -20.26 45.70
CA THR A 137 17.48 -18.87 45.95
C THR A 137 17.38 -18.05 44.68
N ILE A 138 17.82 -18.64 43.56
CA ILE A 138 17.73 -17.99 42.25
C ILE A 138 16.27 -17.91 41.81
N ARG A 139 15.53 -18.98 42.05
CA ARG A 139 14.11 -19.04 41.70
C ARG A 139 13.33 -17.98 42.47
N MET A 140 13.77 -17.68 43.69
CA MET A 140 13.13 -16.68 44.51
C MET A 140 13.55 -15.28 44.09
N PHE A 141 14.78 -15.16 43.60
CA PHE A 141 15.28 -13.89 43.08
C PHE A 141 14.43 -13.42 41.91
N TYR A 142 14.14 -14.34 40.99
CA TYR A 142 13.28 -14.07 39.86
C TYR A 142 11.90 -13.55 40.29
N SER A 143 11.31 -14.23 41.28
CA SER A 143 9.96 -13.93 41.74
C SER A 143 9.81 -12.48 42.21
N ASN A 144 10.79 -12.00 42.96
CA ASN A 144 10.75 -10.63 43.47
C ASN A 144 11.03 -9.62 42.37
N LEU A 145 11.93 -9.97 41.47
CA LEU A 145 12.26 -9.12 40.34
C LEU A 145 11.05 -8.89 39.45
N TYR A 146 10.25 -9.93 39.26
CA TYR A 146 9.06 -9.84 38.43
C TYR A 146 8.05 -8.84 39.00
N LYS A 147 7.99 -8.78 40.33
CA LYS A 147 7.03 -7.91 41.00
C LYS A 147 7.40 -6.44 40.82
N LYS A 148 8.70 -6.16 40.71
CA LYS A 148 9.17 -4.79 40.58
C LYS A 148 9.17 -4.34 39.11
N LEU A 149 8.84 -5.26 38.22
CA LEU A 149 8.65 -4.95 36.82
C LEU A 149 7.36 -5.61 36.33
N SER A 150 6.26 -5.32 37.04
CA SER A 150 4.99 -6.01 36.84
C SER A 150 4.36 -5.70 35.50
N HIS A 151 4.81 -4.61 34.88
CA HIS A 151 4.29 -4.18 33.59
C HIS A 151 4.73 -5.10 32.46
N ARG A 152 5.95 -5.59 32.56
CA ARG A 152 6.51 -6.47 31.53
C ARG A 152 6.29 -7.93 31.89
N ASP A 153 6.03 -8.75 30.88
CA ASP A 153 5.86 -10.19 31.08
C ASP A 153 7.07 -10.79 31.77
N ALA A 154 6.81 -11.70 32.72
CA ALA A 154 7.86 -12.26 33.56
C ALA A 154 8.87 -13.07 32.75
N LYS A 155 8.43 -13.62 31.63
CA LYS A 155 9.29 -14.43 30.78
C LYS A 155 10.30 -13.58 30.03
N SER A 156 9.89 -12.36 29.69
CA SER A 156 10.77 -11.40 29.03
C SER A 156 11.93 -11.03 29.95
N ILE A 157 11.60 -10.80 31.22
CA ILE A 157 12.59 -10.46 32.22
C ILE A 157 13.54 -11.63 32.46
N TYR A 158 12.98 -12.83 32.48
CA TYR A 158 13.76 -14.05 32.67
C TYR A 158 14.81 -14.25 31.57
N HIS A 159 14.40 -14.05 30.31
CA HIS A 159 15.33 -14.18 29.19
C HIS A 159 16.39 -13.09 29.23
N HIS A 160 15.96 -11.88 29.54
CA HIS A 160 16.85 -10.73 29.61
C HIS A 160 17.99 -10.93 30.60
N VAL A 161 17.63 -11.33 31.81
CA VAL A 161 18.61 -11.54 32.88
C VAL A 161 19.66 -12.57 32.49
N ARG A 162 19.21 -13.68 31.92
CA ARG A 162 20.11 -14.75 31.48
C ARG A 162 21.10 -14.27 30.43
N ARG A 163 20.60 -13.52 29.45
CA ARG A 163 21.45 -12.99 28.39
C ARG A 163 22.42 -11.95 28.94
N ALA A 164 21.94 -11.13 29.87
CA ALA A 164 22.75 -10.05 30.43
C ALA A 164 23.74 -10.55 31.47
N TYR A 165 23.39 -11.65 32.13
CA TYR A 165 24.26 -12.23 33.14
C TYR A 165 24.58 -13.68 32.81
N ASN A 166 25.70 -13.87 32.12
CA ASN A 166 26.12 -15.19 31.69
C ASN A 166 27.58 -15.44 32.04
N PRO A 167 27.98 -16.71 32.20
CA PRO A 167 29.36 -17.07 32.53
C PRO A 167 30.26 -17.18 31.30
N PHE A 168 29.66 -17.12 30.12
CA PHE A 168 30.39 -17.25 28.87
C PHE A 168 31.10 -15.94 28.52
N GLU A 169 32.07 -16.01 27.61
CA GLU A 169 32.81 -14.83 27.18
C GLU A 169 32.12 -14.17 25.99
N ASP A 170 31.45 -13.05 26.25
CA ASP A 170 30.67 -12.37 25.23
C ASP A 170 31.55 -11.50 24.32
N ARG A 171 31.62 -11.87 23.05
CA ARG A 171 32.39 -11.12 22.07
C ARG A 171 31.88 -11.40 20.66
N CYS A 172 32.16 -10.47 19.74
CA CYS A 172 31.66 -10.56 18.37
C CYS A 172 32.61 -11.30 17.44
N VAL A 173 33.88 -11.31 17.79
CA VAL A 173 34.92 -11.87 16.92
C VAL A 173 34.95 -13.40 16.95
N TRP A 174 34.45 -14.01 15.89
CA TRP A 174 34.62 -15.44 15.68
C TRP A 174 35.74 -15.66 14.67
N SER A 175 36.66 -16.56 15.00
CA SER A 175 37.78 -16.85 14.10
C SER A 175 37.41 -17.96 13.13
N LYS A 176 38.28 -18.20 12.16
CA LYS A 176 38.06 -19.24 11.17
C LYS A 176 38.00 -20.61 11.83
N GLU A 177 38.87 -20.80 12.83
CA GLU A 177 38.97 -22.08 13.52
C GLU A 177 37.79 -22.29 14.45
N GLU A 178 37.39 -21.22 15.13
CA GLU A 178 36.25 -21.26 16.03
C GLU A 178 34.98 -21.53 15.25
N ASP A 179 34.86 -20.94 14.06
CA ASP A 179 33.74 -21.21 13.17
C ASP A 179 33.70 -22.68 12.79
N GLU A 180 34.88 -23.25 12.56
CA GLU A 180 35.03 -24.64 12.19
C GLU A 180 34.71 -25.57 13.35
N GLU A 181 35.19 -25.20 14.54
CA GLU A 181 34.94 -25.98 15.73
C GLU A 181 33.45 -26.07 16.01
N LEU A 182 32.75 -24.97 15.74
CA LEU A 182 31.29 -24.94 15.88
C LEU A 182 30.64 -25.91 14.91
N ARG A 183 31.07 -25.86 13.66
CA ARG A 183 30.54 -26.72 12.62
C ARG A 183 30.63 -28.20 13.01
N LYS A 184 31.82 -28.61 13.44
CA LYS A 184 32.07 -30.00 13.82
C LYS A 184 31.24 -30.42 15.02
N ASN A 185 30.99 -29.49 15.92
CA ASN A 185 30.14 -29.76 17.08
C ASN A 185 28.70 -29.99 16.65
N VAL A 186 28.24 -29.23 15.67
CA VAL A 186 26.89 -29.40 15.15
C VAL A 186 26.79 -30.72 14.38
N VAL A 187 27.85 -31.08 13.67
CA VAL A 187 27.90 -32.36 12.98
C VAL A 187 27.91 -33.51 14.00
N GLU A 188 28.57 -33.27 15.12
CA GLU A 188 28.73 -34.31 16.13
C GLU A 188 27.50 -34.45 17.03
N HIS A 189 26.96 -33.32 17.49
CA HIS A 189 25.95 -33.34 18.54
C HIS A 189 24.56 -32.87 18.08
N GLY A 190 24.50 -32.26 16.90
CA GLY A 190 23.24 -31.74 16.40
C GLY A 190 22.96 -30.32 16.87
N LYS A 191 21.72 -29.88 16.78
CA LYS A 191 21.33 -28.52 17.15
C LYS A 191 21.14 -28.37 18.65
N CYS A 192 22.18 -28.68 19.41
CA CYS A 192 22.12 -28.63 20.86
C CYS A 192 23.04 -27.52 21.39
N TRP A 193 22.52 -26.30 21.39
CA TRP A 193 23.33 -25.11 21.58
C TRP A 193 23.83 -24.95 23.03
N THR A 194 23.09 -25.51 23.97
CA THR A 194 23.49 -25.43 25.37
C THR A 194 24.68 -26.36 25.62
N LYS A 195 24.59 -27.58 25.10
CA LYS A 195 25.68 -28.55 25.19
C LYS A 195 26.90 -28.04 24.43
N ILE A 196 26.67 -27.56 23.22
CA ILE A 196 27.74 -27.03 22.39
C ILE A 196 28.34 -25.77 22.98
N GLY A 197 27.46 -24.87 23.42
CA GLY A 197 27.88 -23.61 24.02
C GLY A 197 28.84 -23.78 25.18
N ARG A 198 28.58 -24.75 26.04
CA ARG A 198 29.44 -25.00 27.19
C ARG A 198 30.79 -25.57 26.77
N LYS A 199 30.79 -26.31 25.67
CA LYS A 199 32.03 -26.89 25.15
C LYS A 199 32.93 -25.79 24.57
N MET A 200 32.33 -24.77 23.99
CA MET A 200 33.09 -23.69 23.36
C MET A 200 33.18 -22.45 24.24
N ALA A 201 32.66 -22.55 25.47
CA ALA A 201 32.59 -21.41 26.39
C ALA A 201 31.86 -20.25 25.73
N ARG A 202 30.77 -20.57 25.05
CA ARG A 202 30.00 -19.59 24.30
C ARG A 202 28.53 -19.59 24.71
N MET A 203 27.91 -18.42 24.69
CA MET A 203 26.49 -18.33 24.97
C MET A 203 25.71 -19.08 23.90
N PRO A 204 24.93 -20.08 24.31
CA PRO A 204 24.17 -20.97 23.41
C PRO A 204 23.48 -20.23 22.27
N ASN A 205 22.87 -19.08 22.56
CA ASN A 205 22.20 -18.30 21.53
C ASN A 205 23.17 -17.79 20.46
N ASP A 206 24.36 -17.38 20.91
CA ASP A 206 25.42 -16.92 20.00
C ASP A 206 25.88 -18.05 19.08
N CYS A 207 25.89 -19.26 19.60
CA CYS A 207 26.28 -20.43 18.81
C CYS A 207 25.25 -20.68 17.72
N ARG A 208 23.97 -20.59 18.08
CA ARG A 208 22.89 -20.73 17.12
C ARG A 208 23.02 -19.68 16.04
N ASP A 209 23.19 -18.43 16.44
CA ASP A 209 23.24 -17.32 15.49
C ASP A 209 24.42 -17.48 14.53
N ARG A 210 25.59 -17.83 15.07
CA ARG A 210 26.77 -18.06 14.23
C ARG A 210 26.51 -19.16 13.22
N TRP A 211 25.83 -20.21 13.65
CA TRP A 211 25.51 -21.33 12.77
C TRP A 211 24.44 -20.94 11.74
N ARG A 212 23.29 -20.49 12.21
CA ARG A 212 22.16 -20.18 11.34
C ARG A 212 22.47 -19.11 10.30
N ASP A 213 23.20 -18.08 10.71
CA ASP A 213 23.39 -16.92 9.85
C ASP A 213 24.74 -16.86 9.14
N VAL A 214 25.66 -17.76 9.47
CA VAL A 214 26.98 -17.74 8.85
C VAL A 214 27.52 -19.11 8.46
N VAL A 215 27.74 -19.96 9.47
CA VAL A 215 28.48 -21.21 9.27
C VAL A 215 27.67 -22.29 8.54
N ARG A 216 26.34 -22.32 8.73
CA ARG A 216 25.50 -23.31 8.07
C ARG A 216 25.67 -23.30 6.55
N PHE A 217 25.87 -22.11 6.00
CA PHE A 217 25.97 -21.96 4.56
C PHE A 217 27.30 -22.47 4.02
N GLY A 218 28.30 -22.50 4.88
CA GLY A 218 29.63 -22.94 4.49
C GLY A 218 30.29 -21.98 3.52
N ASP A 219 30.63 -22.47 2.34
CA ASP A 219 31.33 -21.66 1.35
C ASP A 219 30.38 -21.18 0.25
N LYS A 220 29.11 -21.53 0.39
CA LYS A 220 28.11 -21.18 -0.63
C LYS A 220 27.54 -19.78 -0.42
N LEU A 221 27.91 -19.13 0.68
CA LEU A 221 27.37 -17.81 0.99
C LEU A 221 28.01 -16.75 0.10
N LYS A 222 27.18 -15.80 -0.35
CA LYS A 222 27.63 -14.78 -1.28
C LYS A 222 27.50 -13.37 -0.69
N ARG A 223 28.44 -12.51 -1.03
CA ARG A 223 28.44 -11.13 -0.56
C ARG A 223 28.31 -10.17 -1.74
N ASN A 224 28.51 -10.70 -2.94
CA ASN A 224 28.40 -9.91 -4.16
C ASN A 224 26.97 -9.50 -4.45
N ALA A 225 26.76 -8.78 -5.55
CA ALA A 225 25.43 -8.38 -5.96
C ALA A 225 24.65 -9.60 -6.46
N TRP A 226 23.35 -9.61 -6.18
CA TRP A 226 22.48 -10.70 -6.59
C TRP A 226 22.46 -10.87 -8.11
N SER A 227 22.44 -12.12 -8.57
CA SER A 227 22.26 -12.39 -9.99
C SER A 227 20.78 -12.43 -10.31
N LEU A 228 20.44 -12.29 -11.58
CA LEU A 228 19.05 -12.35 -12.02
C LEU A 228 18.43 -13.69 -11.64
N GLU A 229 19.22 -14.75 -11.79
CA GLU A 229 18.79 -16.09 -11.43
C GLU A 229 18.50 -16.19 -9.94
N GLU A 230 19.41 -15.62 -9.14
CA GLU A 230 19.29 -15.62 -7.69
C GLU A 230 18.03 -14.91 -7.23
N GLU A 231 17.77 -13.74 -7.81
CA GLU A 231 16.59 -12.95 -7.47
C GLU A 231 15.30 -13.63 -7.94
N THR A 232 15.38 -14.32 -9.06
CA THR A 232 14.24 -15.03 -9.60
C THR A 232 13.90 -16.23 -8.72
N GLN A 233 14.94 -16.93 -8.27
CA GLN A 233 14.77 -18.07 -7.39
C GLN A 233 14.11 -17.64 -6.08
N LEU A 234 14.52 -16.47 -5.59
CA LEU A 234 13.97 -15.90 -4.36
C LEU A 234 12.47 -15.65 -4.49
N LEU A 235 12.04 -15.25 -5.67
CA LEU A 235 10.62 -14.99 -5.90
C LEU A 235 9.83 -16.29 -6.00
N GLN A 236 10.50 -17.34 -6.46
CA GLN A 236 9.84 -18.64 -6.63
C GLN A 236 9.57 -19.30 -5.29
N ILE A 237 10.47 -19.09 -4.32
CA ILE A 237 10.36 -19.76 -3.03
C ILE A 237 9.38 -19.06 -2.09
N VAL A 238 9.18 -17.76 -2.27
CA VAL A 238 8.21 -17.03 -1.47
C VAL A 238 6.80 -17.35 -1.96
N ALA A 239 6.71 -17.76 -3.22
CA ALA A 239 5.45 -18.18 -3.80
C ALA A 239 5.05 -19.55 -3.24
N GLU A 240 6.04 -20.30 -2.78
CA GLU A 240 5.78 -21.58 -2.12
C GLU A 240 6.03 -21.46 -0.62
N LEU A 241 4.98 -21.15 0.13
CA LEU A 241 5.08 -21.01 1.58
C LEU A 241 3.74 -21.26 2.26
N SER A 249 3.51 -12.89 10.10
CA SER A 249 4.06 -14.22 9.84
C SER A 249 4.18 -14.49 8.35
N ASP A 250 3.43 -15.49 7.88
CA ASP A 250 3.33 -15.82 6.46
C ASP A 250 4.65 -16.24 5.79
N ILE A 251 5.74 -15.57 6.13
CA ILE A 251 7.02 -15.85 5.49
C ILE A 251 8.13 -16.20 6.48
N ASN A 252 8.63 -17.43 6.40
CA ASN A 252 9.73 -17.88 7.24
C ASN A 252 11.07 -17.66 6.55
N TRP A 253 11.74 -16.55 6.88
CA TRP A 253 12.96 -16.17 6.20
C TRP A 253 14.12 -17.13 6.46
N THR A 254 14.04 -17.88 7.55
CA THR A 254 15.07 -18.88 7.84
C THR A 254 14.96 -20.04 6.86
N LEU A 255 13.73 -20.47 6.59
CA LEU A 255 13.51 -21.53 5.61
C LEU A 255 13.79 -21.01 4.21
N VAL A 256 13.43 -19.75 3.96
CA VAL A 256 13.66 -19.11 2.67
C VAL A 256 15.14 -19.12 2.30
N ALA A 257 15.99 -18.75 3.25
CA ALA A 257 17.43 -18.73 3.03
C ALA A 257 17.98 -20.14 2.82
N GLN A 258 17.45 -21.10 3.57
CA GLN A 258 17.87 -22.48 3.46
C GLN A 258 17.66 -23.03 2.05
N MET A 259 16.49 -22.74 1.49
CA MET A 259 16.16 -23.23 0.15
C MET A 259 16.92 -22.49 -0.95
N LEU A 260 17.16 -21.20 -0.75
CA LEU A 260 17.96 -20.42 -1.70
C LEU A 260 19.41 -20.88 -1.62
N GLY A 261 19.94 -20.97 -0.40
CA GLY A 261 21.24 -21.58 -0.17
C GLY A 261 22.46 -20.71 -0.38
N THR A 262 22.27 -19.52 -0.93
CA THR A 262 23.39 -18.64 -1.24
C THR A 262 23.33 -17.32 -0.48
N ARG A 263 22.24 -17.09 0.23
CA ARG A 263 22.04 -15.84 0.97
C ARG A 263 21.44 -16.11 2.37
N THR A 264 21.78 -15.26 3.32
CA THR A 264 21.25 -15.39 4.69
C THR A 264 19.78 -15.01 4.75
N ARG A 265 19.14 -15.27 5.88
CA ARG A 265 17.72 -14.97 6.04
C ARG A 265 17.47 -13.46 5.97
N LEU A 266 18.38 -12.67 6.54
CA LEU A 266 18.21 -11.22 6.58
C LEU A 266 18.47 -10.61 5.21
N GLN A 267 19.41 -11.19 4.47
CA GLN A 267 19.67 -10.76 3.11
C GLN A 267 18.46 -11.02 2.22
N CYS A 268 17.84 -12.17 2.40
CA CYS A 268 16.65 -12.53 1.64
C CYS A 268 15.50 -11.60 2.02
N ARG A 269 15.33 -11.41 3.32
CA ARG A 269 14.28 -10.54 3.84
C ARG A 269 14.43 -9.14 3.28
N TYR A 270 15.68 -8.66 3.20
CA TYR A 270 15.95 -7.32 2.70
C TYR A 270 15.70 -7.23 1.20
N LYS A 271 16.29 -8.15 0.45
CA LYS A 271 16.16 -8.13 -1.01
C LYS A 271 14.71 -8.23 -1.46
N PHE A 272 13.94 -9.09 -0.79
CA PHE A 272 12.53 -9.26 -1.12
C PHE A 272 11.75 -7.98 -0.89
N GLN A 273 12.11 -7.24 0.16
CA GLN A 273 11.45 -5.98 0.47
C GLN A 273 11.72 -4.94 -0.62
N GLN A 274 12.94 -4.90 -1.11
CA GLN A 274 13.31 -3.94 -2.13
C GLN A 274 12.68 -4.28 -3.48
N LEU A 275 12.60 -5.57 -3.80
CA LEU A 275 11.97 -6.00 -5.03
C LEU A 275 10.47 -5.71 -5.04
N THR A 276 9.84 -5.86 -3.88
CA THR A 276 8.39 -5.75 -3.78
C THR A 276 7.92 -4.39 -3.27
N LYS A 277 8.83 -3.43 -3.19
CA LYS A 277 8.49 -2.08 -2.72
C LYS A 277 7.43 -1.44 -3.60
N ALA A 278 6.66 -0.53 -3.01
CA ALA A 278 5.60 0.16 -3.73
C ALA A 278 6.16 0.98 -4.90
N ALA A 279 5.81 0.58 -6.12
CA ALA A 279 6.33 1.24 -7.31
C ALA A 279 5.22 1.93 -8.11
N SER A 280 5.63 2.76 -9.07
CA SER A 280 4.69 3.41 -9.97
C SER A 280 4.08 2.37 -10.91
N LYS A 281 2.78 2.49 -11.16
CA LYS A 281 2.04 1.51 -11.95
C LYS A 281 2.57 1.39 -13.38
N PHE A 282 3.15 0.23 -13.69
CA PHE A 282 3.63 -0.04 -15.03
C PHE A 282 2.48 -0.24 -16.02
N GLU A 283 2.29 0.73 -16.91
CA GLU A 283 1.29 0.61 -17.95
C GLU A 283 1.94 0.09 -19.23
N LEU A 284 1.22 0.14 -20.33
CA LEU A 284 1.73 -0.33 -21.62
C LEU A 284 2.99 0.42 -22.02
N GLN A 285 2.91 1.75 -22.01
CA GLN A 285 4.04 2.59 -22.41
C GLN A 285 5.23 2.41 -21.47
N GLU A 286 4.95 2.23 -20.19
CA GLU A 286 6.00 2.06 -19.19
C GLU A 286 6.76 0.76 -19.42
N ASN A 287 6.02 -0.30 -19.75
CA ASN A 287 6.63 -1.60 -20.04
C ASN A 287 7.49 -1.55 -21.30
N VAL A 288 7.02 -0.82 -22.31
CA VAL A 288 7.76 -0.67 -23.56
C VAL A 288 9.12 -0.01 -23.31
N TRP A 289 9.11 1.11 -22.61
CA TRP A 289 10.33 1.85 -22.31
C TRP A 289 11.35 0.97 -21.58
N LEU A 290 10.87 0.19 -20.63
CA LEU A 290 11.74 -0.70 -19.87
C LEU A 290 12.34 -1.78 -20.75
N LEU A 291 11.50 -2.42 -21.55
CA LEU A 291 11.98 -3.49 -22.44
C LEU A 291 12.88 -2.93 -23.53
N GLU A 292 12.65 -1.68 -23.94
CA GLU A 292 13.49 -1.05 -24.94
C GLU A 292 14.85 -0.67 -24.37
N ARG A 293 14.84 -0.19 -23.14
CA ARG A 293 16.08 0.19 -22.47
C ARG A 293 16.90 -1.07 -22.16
N ILE A 294 16.21 -2.18 -21.90
CA ILE A 294 16.88 -3.44 -21.67
C ILE A 294 17.41 -4.00 -22.99
N TYR A 295 16.60 -3.91 -24.04
CA TYR A 295 16.99 -4.39 -25.36
C TYR A 295 18.22 -3.64 -25.90
N ASP A 296 18.34 -2.36 -25.53
CA ASP A 296 19.53 -1.60 -25.90
C ASP A 296 20.76 -2.17 -25.21
N SER A 297 20.61 -2.53 -23.95
CA SER A 297 21.72 -3.11 -23.19
C SER A 297 22.02 -4.53 -23.66
N LEU A 298 21.03 -5.20 -24.21
CA LEU A 298 21.23 -6.56 -24.74
C LEU A 298 22.02 -6.51 -26.06
N LEU A 299 21.75 -5.50 -26.87
CA LEU A 299 22.41 -5.36 -28.17
C LEU A 299 23.78 -4.67 -28.06
N ASN A 300 23.77 -3.42 -27.61
CA ASN A 300 24.98 -2.61 -27.55
C ASN A 300 26.06 -3.25 -26.68
N ASN A 301 25.74 -3.50 -25.42
CA ASN A 301 26.63 -4.27 -24.55
C ASN A 301 26.62 -5.74 -24.94
N GLY A 302 27.38 -6.56 -24.22
CA GLY A 302 27.34 -7.99 -24.42
C GLY A 302 25.99 -8.53 -24.01
N GLY A 303 25.75 -9.81 -24.26
CA GLY A 303 24.50 -10.44 -23.88
C GLY A 303 24.23 -10.34 -22.38
N LYS A 304 24.04 -9.11 -21.91
CA LYS A 304 23.87 -8.83 -20.49
C LYS A 304 23.16 -7.50 -20.29
N ILE A 305 22.64 -7.27 -19.09
CA ILE A 305 21.90 -6.06 -18.80
C ILE A 305 22.64 -5.15 -17.82
N HIS A 306 23.16 -4.04 -18.32
CA HIS A 306 23.78 -3.03 -17.46
C HIS A 306 22.71 -2.07 -16.93
N TRP A 307 22.38 -2.22 -15.65
CA TRP A 307 21.28 -1.48 -15.05
C TRP A 307 21.66 -0.07 -14.61
N GLU A 308 22.95 0.23 -14.60
CA GLU A 308 23.43 1.54 -14.16
C GLU A 308 22.81 2.67 -14.98
N ASN A 309 22.71 2.47 -16.29
CA ASN A 309 22.15 3.48 -17.19
C ASN A 309 20.63 3.52 -17.14
N ILE A 310 20.02 2.36 -16.89
CA ILE A 310 18.56 2.26 -16.85
C ILE A 310 18.01 2.99 -15.63
N VAL A 311 18.64 2.76 -14.48
CA VAL A 311 18.23 3.41 -13.24
C VAL A 311 18.31 4.93 -13.35
N LYS A 312 19.41 5.40 -13.94
CA LYS A 312 19.64 6.83 -14.09
C LYS A 312 18.57 7.49 -14.95
N GLU A 313 18.18 6.81 -16.02
CA GLU A 313 17.18 7.35 -16.93
C GLU A 313 15.79 7.35 -16.30
N ALA A 314 15.58 6.44 -15.36
CA ALA A 314 14.33 6.41 -14.60
C ALA A 314 14.28 7.57 -13.62
N ASN A 315 15.39 7.75 -12.90
CA ASN A 315 15.59 8.87 -11.99
C ASN A 315 14.50 9.05 -10.95
N GLY A 316 14.43 8.14 -9.99
CA GLY A 316 13.54 8.30 -8.85
C GLY A 316 12.20 7.60 -8.97
N ARG A 317 11.74 7.37 -10.18
CA ARG A 317 10.44 6.75 -10.39
C ARG A 317 10.46 5.28 -9.96
N TRP A 318 11.56 4.60 -10.26
CA TRP A 318 11.75 3.23 -9.82
C TRP A 318 13.19 3.01 -9.37
N THR A 319 13.36 2.22 -8.31
CA THR A 319 14.68 1.81 -7.88
C THR A 319 15.11 0.62 -8.73
N ARG A 320 16.38 0.25 -8.63
CA ARG A 320 16.91 -0.88 -9.39
C ARG A 320 16.09 -2.16 -9.16
N ASP A 321 15.92 -2.53 -7.90
CA ASP A 321 15.22 -3.76 -7.57
C ASP A 321 13.76 -3.76 -8.04
N GLN A 322 13.16 -2.58 -8.11
CA GLN A 322 11.78 -2.48 -8.59
C GLN A 322 11.67 -2.75 -10.09
N MET A 323 12.65 -2.26 -10.85
CA MET A 323 12.67 -2.50 -12.29
C MET A 323 12.98 -3.97 -12.56
N LEU A 324 13.89 -4.54 -11.78
CA LEU A 324 14.21 -5.95 -11.88
C LEU A 324 12.99 -6.80 -11.58
N PHE A 325 12.26 -6.41 -10.55
CA PHE A 325 11.02 -7.09 -10.19
C PHE A 325 10.04 -7.08 -11.35
N GLN A 326 9.92 -5.93 -12.00
CA GLN A 326 8.99 -5.77 -13.11
C GLN A 326 9.43 -6.59 -14.32
N PHE A 327 10.73 -6.66 -14.55
CA PHE A 327 11.28 -7.43 -15.65
C PHE A 327 11.03 -8.92 -15.45
N ILE A 328 11.14 -9.39 -14.21
CA ILE A 328 10.88 -10.80 -13.89
C ILE A 328 9.46 -11.17 -14.25
N ASN A 329 8.50 -10.35 -13.85
CA ASN A 329 7.09 -10.62 -14.11
C ASN A 329 6.74 -10.53 -15.58
N LEU A 330 7.45 -9.66 -16.30
CA LEU A 330 7.23 -9.53 -17.74
C LEU A 330 7.72 -10.76 -18.48
N LYS A 331 8.88 -11.27 -18.08
CA LYS A 331 9.42 -12.49 -18.67
C LYS A 331 8.47 -13.66 -18.46
N LYS A 332 7.81 -13.67 -17.30
CA LYS A 332 6.90 -14.76 -16.93
C LYS A 332 5.55 -14.66 -17.65
N MET A 333 5.09 -13.44 -17.93
CA MET A 333 3.75 -13.24 -18.47
C MET A 333 3.73 -13.07 -19.99
N ILE A 334 4.75 -12.42 -20.55
CA ILE A 334 4.82 -12.22 -21.99
C ILE A 334 5.17 -13.53 -22.70
N PRO A 335 4.27 -13.99 -23.59
CA PRO A 335 4.42 -15.27 -24.29
C PRO A 335 5.67 -15.34 -25.15
N SER A 336 6.22 -14.18 -25.53
CA SER A 336 7.38 -14.12 -26.39
C SER A 336 8.61 -14.77 -25.75
N TYR A 337 8.69 -14.70 -24.42
CA TYR A 337 9.84 -15.24 -23.71
C TYR A 337 9.83 -16.76 -23.60
N ASP A 338 8.70 -17.37 -23.92
CA ASP A 338 8.61 -18.82 -23.96
C ASP A 338 8.85 -19.33 -25.37
N ASN A 339 8.77 -18.42 -26.34
CA ASN A 339 8.97 -18.76 -27.74
C ASN A 339 10.41 -18.56 -28.20
N LEU A 340 11.04 -17.48 -27.73
CA LEU A 340 12.33 -17.07 -28.24
C LEU A 340 13.36 -16.91 -27.13
N PRO A 341 14.66 -16.95 -27.49
CA PRO A 341 15.74 -16.63 -26.55
C PRO A 341 15.61 -15.19 -26.05
N LEU A 342 16.27 -14.87 -24.93
CA LEU A 342 16.16 -13.58 -24.27
C LEU A 342 16.24 -12.37 -25.21
N LEU A 343 17.20 -12.39 -26.12
CA LEU A 343 17.40 -11.26 -27.04
C LEU A 343 16.18 -11.06 -27.94
N GLU A 344 15.88 -12.07 -28.75
CA GLU A 344 14.79 -12.00 -29.71
C GLU A 344 13.42 -11.88 -29.04
N ALA A 345 13.27 -12.53 -27.89
CA ALA A 345 12.01 -12.49 -27.16
C ALA A 345 11.71 -11.08 -26.69
N THR A 346 12.75 -10.37 -26.28
CA THR A 346 12.62 -8.99 -25.84
C THR A 346 12.20 -8.11 -27.01
N LYS A 347 12.86 -8.28 -28.15
CA LYS A 347 12.50 -7.54 -29.35
C LYS A 347 11.08 -7.86 -29.79
N SER A 348 10.68 -9.13 -29.62
CA SER A 348 9.33 -9.54 -29.95
C SER A 348 8.33 -8.96 -28.96
N ALA A 349 8.72 -8.90 -27.69
CA ALA A 349 7.86 -8.38 -26.64
C ALA A 349 7.56 -6.91 -26.87
N ILE A 350 8.57 -6.16 -27.30
CA ILE A 350 8.42 -4.74 -27.58
C ILE A 350 7.47 -4.52 -28.76
N ASP A 351 7.70 -5.28 -29.84
CA ASP A 351 6.88 -5.16 -31.05
C ASP A 351 5.42 -5.50 -30.78
N ASP A 352 5.17 -6.52 -29.97
CA ASP A 352 3.81 -6.92 -29.63
C ASP A 352 3.14 -5.87 -28.75
N PHE A 353 3.94 -5.20 -27.92
CA PHE A 353 3.45 -4.14 -27.05
C PHE A 353 3.06 -2.90 -27.85
N LYS A 354 3.73 -2.69 -28.98
CA LYS A 354 3.51 -1.51 -29.79
C LYS A 354 2.26 -1.64 -30.65
N VAL A 355 1.90 -2.88 -30.97
CA VAL A 355 0.73 -3.13 -31.80
C VAL A 355 -0.57 -2.82 -31.05
N VAL A 356 -0.63 -3.21 -29.78
CA VAL A 356 -1.84 -3.03 -28.98
C VAL A 356 -2.11 -1.54 -28.71
N LEU A 357 -1.07 -0.72 -28.81
CA LEU A 357 -1.21 0.72 -28.63
C LEU A 357 -1.70 1.39 -29.91
N SER A 358 -2.97 1.14 -30.24
CA SER A 358 -3.57 1.71 -31.44
C SER A 358 -5.09 1.81 -31.28
N ARG D 13 -12.93 14.97 -3.96
CA ARG D 13 -11.86 14.16 -4.53
C ARG D 13 -10.65 14.12 -3.61
N TRP D 14 -10.09 12.93 -3.42
CA TRP D 14 -8.95 12.75 -2.51
C TRP D 14 -7.65 13.21 -3.19
N THR D 15 -6.94 14.13 -2.54
CA THR D 15 -5.70 14.66 -3.08
C THR D 15 -4.51 14.32 -2.19
N ALA D 16 -3.37 14.96 -2.44
CA ALA D 16 -2.15 14.68 -1.69
C ALA D 16 -2.19 15.33 -0.30
N GLU D 17 -2.93 16.43 -0.19
CA GLU D 17 -3.07 17.12 1.10
C GLU D 17 -3.74 16.22 2.12
N HIS D 18 -4.59 15.31 1.64
CA HIS D 18 -5.25 14.36 2.50
C HIS D 18 -4.31 13.23 2.91
N TRP D 19 -3.41 12.86 2.00
CA TRP D 19 -2.39 11.86 2.29
C TRP D 19 -1.39 12.41 3.30
N ASP D 20 -0.98 13.67 3.09
CA ASP D 20 -0.01 14.30 3.97
C ASP D 20 -0.57 14.47 5.39
N TYR D 21 -1.87 14.76 5.47
CA TYR D 21 -2.53 14.89 6.77
C TYR D 21 -2.60 13.56 7.49
N LEU D 22 -3.05 12.53 6.79
CA LEU D 22 -3.18 11.20 7.37
C LEU D 22 -1.83 10.67 7.81
N GLU D 23 -0.79 10.95 7.03
CA GLU D 23 0.56 10.49 7.34
C GLU D 23 1.06 11.10 8.65
N ARG D 24 0.81 12.40 8.83
CA ARG D 24 1.22 13.08 10.04
C ARG D 24 0.43 12.58 11.24
N ARG D 25 -0.87 12.36 11.05
CA ARG D 25 -1.73 11.89 12.13
C ARG D 25 -1.31 10.52 12.64
N MET D 26 -0.95 9.63 11.71
CA MET D 26 -0.55 8.28 12.07
C MET D 26 0.81 8.28 12.77
N GLN D 27 1.69 9.20 12.38
CA GLN D 27 2.99 9.29 13.02
C GLN D 27 2.84 9.86 14.42
N ASN D 28 1.93 10.81 14.59
CA ASN D 28 1.62 11.35 15.89
C ASN D 28 0.94 10.30 16.76
N PHE D 29 0.05 9.53 16.15
CA PHE D 29 -0.69 8.49 16.84
C PHE D 29 0.25 7.43 17.43
N CYS D 30 1.27 7.06 16.66
CA CYS D 30 2.23 6.05 17.11
C CYS D 30 3.10 6.57 18.25
N GLN D 31 3.53 7.82 18.15
CA GLN D 31 4.35 8.42 19.20
C GLN D 31 3.53 8.65 20.47
N THR D 32 2.22 8.83 20.31
CA THR D 32 1.36 9.07 21.46
C THR D 32 1.14 7.79 22.26
N TYR D 33 0.88 6.68 21.57
CA TYR D 33 0.56 5.43 22.25
C TYR D 33 1.72 4.42 22.23
N SER D 34 2.92 4.90 21.88
CA SER D 34 4.11 4.07 21.85
C SER D 34 3.90 2.78 21.05
N LEU D 35 3.29 2.92 19.89
CA LEU D 35 3.00 1.77 19.04
C LEU D 35 3.88 1.74 17.80
N ASP D 36 4.31 0.54 17.43
CA ASP D 36 5.03 0.34 16.17
C ASP D 36 4.02 0.15 15.05
N HIS D 37 4.42 0.44 13.82
CA HIS D 37 3.52 0.33 12.69
C HIS D 37 3.13 -1.13 12.41
N THR D 38 3.94 -2.06 12.88
CA THR D 38 3.63 -3.48 12.75
C THR D 38 2.43 -3.83 13.60
N GLN D 39 2.25 -3.07 14.68
CA GLN D 39 1.10 -3.26 15.57
C GLN D 39 -0.14 -2.58 14.98
N VAL D 40 0.05 -1.40 14.41
CA VAL D 40 -1.05 -0.68 13.75
C VAL D 40 -1.59 -1.47 12.57
N ALA D 41 -0.69 -1.99 11.73
CA ALA D 41 -1.09 -2.80 10.59
C ALA D 41 -1.75 -4.10 11.04
N ASP D 42 -1.32 -4.63 12.18
CA ASP D 42 -1.89 -5.86 12.72
C ASP D 42 -3.34 -5.65 13.16
N SER D 43 -3.66 -4.43 13.58
CA SER D 43 -5.02 -4.08 14.00
C SER D 43 -5.92 -3.86 12.80
N LEU D 44 -5.35 -3.33 11.72
CA LEU D 44 -6.12 -2.99 10.52
C LEU D 44 -6.55 -4.24 9.74
N HIS D 45 -6.00 -5.39 10.10
CA HIS D 45 -6.31 -6.64 9.39
C HIS D 45 -7.44 -7.41 10.07
N GLU D 46 -8.01 -6.86 11.13
CA GLU D 46 -9.04 -7.56 11.89
C GLU D 46 -10.46 -7.15 11.50
N LYS D 47 -10.57 -6.06 10.75
CA LYS D 47 -11.86 -5.53 10.28
C LYS D 47 -12.80 -5.14 11.42
N ARG D 48 -12.30 -5.17 12.63
CA ARG D 48 -13.02 -4.59 13.75
C ARG D 48 -12.10 -3.77 14.64
N LEU D 49 -12.05 -2.47 14.41
CA LEU D 49 -11.20 -1.58 15.19
C LEU D 49 -11.65 -1.40 16.60
N HIS D 50 -10.70 -1.16 17.47
CA HIS D 50 -10.98 -1.05 18.88
C HIS D 50 -9.94 -0.16 19.52
N GLY D 51 -10.21 0.28 20.73
CA GLY D 51 -9.17 0.93 21.50
C GLY D 51 -8.74 2.14 20.75
N PRO D 52 -7.43 2.56 20.98
CA PRO D 52 -7.15 3.90 20.43
C PRO D 52 -7.33 4.04 18.95
N LEU D 53 -7.19 2.96 18.21
CA LEU D 53 -7.34 3.05 16.78
C LEU D 53 -8.74 3.47 16.36
N SER D 54 -9.75 2.94 17.05
CA SER D 54 -11.10 3.34 16.76
C SER D 54 -11.33 4.80 17.06
N SER D 55 -10.77 5.27 18.15
CA SER D 55 -10.82 6.68 18.56
C SER D 55 -10.20 7.57 17.50
N LEU D 56 -9.14 7.07 16.87
CA LEU D 56 -8.42 7.82 15.87
C LEU D 56 -9.27 8.01 14.61
N VAL D 57 -9.96 6.94 14.20
CA VAL D 57 -10.78 6.98 12.99
C VAL D 57 -11.95 7.96 13.13
N LYS D 58 -12.58 7.97 14.30
CA LYS D 58 -13.64 8.94 14.59
C LYS D 58 -13.15 10.36 14.38
N LEU D 59 -11.96 10.66 14.88
CA LEU D 59 -11.33 11.96 14.69
C LEU D 59 -11.14 12.25 13.20
N LEU D 60 -10.68 11.24 12.48
CA LEU D 60 -10.46 11.37 11.04
C LEU D 60 -11.76 11.69 10.32
N VAL D 61 -12.85 11.08 10.78
CA VAL D 61 -14.15 11.31 10.18
C VAL D 61 -14.59 12.74 10.41
N GLN D 62 -14.35 13.24 11.61
CA GLN D 62 -14.70 14.61 11.96
C GLN D 62 -13.77 15.60 11.27
N GLU D 63 -12.47 15.29 11.25
CA GLU D 63 -11.48 16.20 10.67
C GLU D 63 -11.48 16.17 9.15
N MET D 64 -11.97 15.07 8.57
CA MET D 64 -12.08 14.98 7.12
C MET D 64 -13.53 14.75 6.69
N PRO D 65 -14.36 15.80 6.79
CA PRO D 65 -15.80 15.66 6.49
C PRO D 65 -16.08 15.63 5.00
N SER D 66 -15.04 15.77 4.19
CA SER D 66 -15.18 15.74 2.74
C SER D 66 -15.42 14.31 2.25
N PHE D 67 -15.10 13.35 3.10
CA PHE D 67 -15.24 11.94 2.74
C PHE D 67 -15.84 11.12 3.88
N THR D 68 -16.51 10.03 3.50
CA THR D 68 -17.17 9.15 4.45
C THR D 68 -16.18 8.29 5.23
N ARG D 69 -16.66 7.65 6.29
CA ARG D 69 -15.85 6.75 7.10
C ARG D 69 -15.28 5.61 6.26
N ARG D 70 -16.10 5.14 5.32
CA ARG D 70 -15.73 4.00 4.49
C ARG D 70 -14.54 4.33 3.59
N THR D 71 -14.58 5.51 2.96
CA THR D 71 -13.50 5.95 2.10
C THR D 71 -12.23 6.24 2.91
N ILE D 72 -12.42 6.85 4.08
CA ILE D 72 -11.30 7.13 4.97
C ILE D 72 -10.63 5.85 5.43
N LEU D 73 -11.43 4.85 5.77
CA LEU D 73 -10.90 3.55 6.18
C LEU D 73 -10.15 2.86 5.04
N ARG D 74 -10.66 3.02 3.83
CA ARG D 74 -10.03 2.40 2.67
C ARG D 74 -8.64 2.98 2.41
N HIS D 75 -8.53 4.30 2.48
CA HIS D 75 -7.25 4.96 2.25
C HIS D 75 -6.29 4.70 3.40
N LEU D 76 -6.84 4.45 4.58
CA LEU D 76 -6.02 4.13 5.75
C LEU D 76 -5.39 2.75 5.60
N ARG D 77 -6.17 1.81 5.05
CA ARG D 77 -5.67 0.46 4.83
C ARG D 77 -4.84 0.39 3.54
N ALA D 78 -4.77 1.51 2.84
CA ALA D 78 -3.90 1.61 1.66
C ALA D 78 -2.58 2.25 2.05
N LEU D 79 -2.61 3.08 3.10
CA LEU D 79 -1.39 3.60 3.69
C LEU D 79 -0.54 2.43 4.16
N TYR D 80 -0.95 1.81 5.27
CA TYR D 80 -0.39 0.53 5.67
C TYR D 80 -0.98 -0.54 4.78
N ASN D 81 -0.18 -1.02 3.82
CA ASN D 81 -0.67 -1.89 2.76
C ASN D 81 -1.37 -3.16 3.26
N ILE D 82 -2.67 -3.23 2.97
CA ILE D 82 -3.50 -4.38 3.34
C ILE D 82 -4.10 -4.98 2.08
N PRO D 83 -4.06 -6.32 1.97
CA PRO D 83 -4.57 -7.07 0.80
C PRO D 83 -5.92 -6.59 0.28
N GLY D 84 -5.93 -6.11 -0.96
CA GLY D 84 -7.16 -5.73 -1.63
C GLY D 84 -7.36 -4.23 -1.78
N TYR D 85 -6.63 -3.44 -1.01
CA TYR D 85 -6.81 -2.00 -1.01
C TYR D 85 -5.77 -1.31 -1.86
N GLU D 86 -5.38 -1.94 -2.96
CA GLU D 86 -4.38 -1.40 -3.87
C GLU D 86 -4.96 -0.28 -4.72
N LYS D 87 -6.27 -0.31 -4.93
CA LYS D 87 -6.93 0.66 -5.78
C LYS D 87 -6.96 2.05 -5.16
N TYR D 88 -7.00 2.11 -3.83
CA TYR D 88 -7.14 3.37 -3.12
C TYR D 88 -5.78 3.95 -2.70
N SER D 89 -4.70 3.22 -3.01
CA SER D 89 -3.35 3.65 -2.66
C SER D 89 -3.00 4.97 -3.34
N ARG D 90 -1.99 5.66 -2.79
CA ARG D 90 -1.54 6.92 -3.35
C ARG D 90 -0.98 6.73 -4.76
N LYS D 91 -1.68 7.27 -5.74
CA LYS D 91 -1.28 7.15 -7.13
C LYS D 91 -0.44 8.35 -7.57
N ASN D 92 0.73 8.06 -8.14
CA ASN D 92 1.61 9.10 -8.64
C ASN D 92 1.07 9.71 -9.93
N SER D 93 1.79 10.71 -10.45
CA SER D 93 1.36 11.40 -11.66
C SER D 93 1.48 10.48 -12.89
N SER D 94 0.61 10.70 -13.87
CA SER D 94 0.61 9.88 -15.07
C SER D 94 0.37 10.71 -16.33
N GLY D 95 0.46 10.06 -17.49
CA GLY D 95 0.26 10.73 -18.76
C GLY D 95 -1.22 10.94 -19.05
N ARG D 96 -2.05 10.08 -18.50
CA ARG D 96 -3.50 10.19 -18.67
C ARG D 96 -4.21 10.06 -17.32
N GLY D 97 -5.53 10.20 -17.33
CA GLY D 97 -6.31 10.09 -16.12
C GLY D 97 -6.17 11.30 -15.23
N ASP D 98 -6.47 11.14 -13.95
CA ASP D 98 -6.43 12.23 -12.99
C ASP D 98 -5.03 12.80 -12.83
N PHE D 99 -4.95 14.07 -12.45
CA PHE D 99 -3.68 14.77 -12.30
C PHE D 99 -3.05 14.50 -10.93
N GLY D 100 -1.78 14.16 -10.93
CA GLY D 100 -1.06 13.86 -9.70
C GLY D 100 -0.72 15.10 -8.89
N VAL D 101 -0.11 14.89 -7.74
CA VAL D 101 0.26 15.98 -6.85
C VAL D 101 1.26 16.93 -7.50
N GLN D 102 2.29 16.36 -8.13
CA GLN D 102 3.33 17.14 -8.78
C GLN D 102 2.76 17.95 -9.94
N GLU D 103 1.79 17.36 -10.65
CA GLU D 103 1.16 18.05 -11.76
C GLU D 103 0.37 19.25 -11.28
N THR D 104 -0.46 19.05 -10.26
CA THR D 104 -1.27 20.12 -9.71
C THR D 104 -0.41 21.19 -9.04
N ALA D 105 0.76 20.78 -8.56
CA ALA D 105 1.69 21.71 -7.91
C ALA D 105 2.34 22.65 -8.92
N ILE D 106 2.71 22.11 -10.09
CA ILE D 106 3.33 22.91 -11.14
C ILE D 106 2.35 23.93 -11.71
N ILE D 107 1.15 23.47 -12.03
CA ILE D 107 0.11 24.35 -12.55
C ILE D 107 -0.19 25.47 -11.56
N SER D 108 -0.37 25.11 -10.29
CA SER D 108 -0.64 26.09 -9.25
C SER D 108 0.49 27.12 -9.15
N GLN D 109 1.72 26.65 -9.29
CA GLN D 109 2.88 27.54 -9.23
C GLN D 109 3.01 28.37 -10.50
N GLU D 110 2.68 27.77 -11.64
CA GLU D 110 2.79 28.47 -12.93
C GLU D 110 1.70 29.53 -13.08
N VAL D 111 0.52 29.26 -12.54
CA VAL D 111 -0.57 30.23 -12.58
C VAL D 111 -0.22 31.45 -11.72
N HIS D 112 0.34 31.19 -10.53
CA HIS D 112 0.74 32.26 -9.63
C HIS D 112 1.76 33.18 -10.28
N ASN D 113 2.79 32.60 -10.89
CA ASN D 113 3.82 33.37 -11.57
C ASN D 113 3.23 34.22 -12.69
N PHE D 114 2.32 33.62 -13.46
CA PHE D 114 1.65 34.33 -14.54
C PHE D 114 0.78 35.46 -13.98
N ILE D 115 0.12 35.18 -12.87
CA ILE D 115 -0.79 36.15 -12.26
C ILE D 115 -0.04 37.21 -11.47
N MET D 116 1.27 37.04 -11.31
CA MET D 116 2.09 38.02 -10.61
C MET D 116 2.90 38.86 -11.59
N ASP D 117 3.25 38.28 -12.74
CA ASP D 117 3.98 39.01 -13.77
C ASP D 117 3.10 40.10 -14.39
N GLN D 118 1.79 39.86 -14.34
CA GLN D 118 0.82 40.87 -14.77
C GLN D 118 -0.19 41.11 -13.65
N GLY D 119 -0.55 42.37 -13.45
CA GLY D 119 -1.45 42.75 -12.36
C GLY D 119 -2.83 42.14 -12.49
N TRP D 120 -2.93 40.84 -12.26
CA TRP D 120 -4.21 40.14 -12.35
C TRP D 120 -4.55 39.41 -11.06
N SER D 121 -5.83 39.44 -10.70
CA SER D 121 -6.33 38.63 -9.59
C SER D 121 -6.75 37.26 -10.12
N GLU D 122 -6.87 36.28 -9.23
CA GLU D 122 -7.26 34.93 -9.64
C GLU D 122 -8.65 34.94 -10.27
N TYR D 123 -9.54 35.77 -9.74
CA TYR D 123 -10.88 35.92 -10.28
C TYR D 123 -10.84 36.49 -11.69
N GLN D 124 -9.90 37.39 -11.93
CA GLN D 124 -9.71 37.96 -13.25
C GLN D 124 -9.08 36.94 -14.19
N PHE D 125 -8.22 36.09 -13.65
CA PHE D 125 -7.55 35.05 -14.44
C PHE D 125 -8.56 34.04 -14.96
N CYS D 126 -9.51 33.64 -14.12
CA CYS D 126 -10.55 32.72 -14.52
C CYS D 126 -11.40 33.33 -15.65
N ASN D 127 -11.63 34.63 -15.56
CA ASN D 127 -12.39 35.33 -16.60
C ASN D 127 -11.60 35.47 -17.89
N GLN D 128 -10.30 35.66 -17.77
CA GLN D 128 -9.44 35.74 -18.94
C GLN D 128 -9.38 34.38 -19.63
N ILE D 129 -9.25 33.32 -18.83
CA ILE D 129 -9.24 31.96 -19.34
C ILE D 129 -10.56 31.61 -20.03
N TRP D 130 -11.66 31.93 -19.36
CA TRP D 130 -12.99 31.56 -19.88
C TRP D 130 -13.63 32.66 -20.70
N ALA D 131 -12.81 33.59 -21.19
CA ALA D 131 -13.28 34.60 -22.11
C ALA D 131 -13.64 33.94 -23.44
N GLY D 132 -14.43 34.63 -24.26
CA GLY D 132 -14.82 34.12 -25.56
C GLY D 132 -13.62 33.77 -26.42
N LYS D 133 -12.77 34.75 -26.66
CA LYS D 133 -11.55 34.53 -27.43
C LYS D 133 -10.33 34.66 -26.53
N CYS D 134 -9.36 33.75 -26.73
CA CYS D 134 -8.16 33.70 -25.91
C CYS D 134 -7.20 34.84 -26.25
N PRO D 135 -6.87 35.67 -25.25
CA PRO D 135 -5.86 36.74 -25.41
C PRO D 135 -4.49 36.16 -25.76
N LYS D 136 -3.62 36.98 -26.35
CA LYS D 136 -2.28 36.53 -26.70
C LYS D 136 -1.48 36.15 -25.46
N THR D 137 -1.73 36.87 -24.36
CA THR D 137 -1.01 36.63 -23.11
C THR D 137 -1.37 35.26 -22.53
N ILE D 138 -2.64 34.92 -22.59
CA ILE D 138 -3.12 33.64 -22.06
C ILE D 138 -2.60 32.48 -22.90
N ARG D 139 -2.52 32.70 -24.21
CA ARG D 139 -2.04 31.67 -25.14
C ARG D 139 -0.59 31.32 -24.87
N MET D 140 0.18 32.30 -24.39
CA MET D 140 1.58 32.08 -24.04
C MET D 140 1.70 31.30 -22.73
N PHE D 141 0.74 31.51 -21.84
CA PHE D 141 0.71 30.80 -20.57
C PHE D 141 0.57 29.30 -20.80
N TYR D 142 -0.33 28.94 -21.71
CA TYR D 142 -0.57 27.53 -22.06
C TYR D 142 0.70 26.89 -22.61
N SER D 143 1.26 27.51 -23.65
CA SER D 143 2.45 27.00 -24.31
C SER D 143 3.63 26.85 -23.34
N ASN D 144 3.75 27.78 -22.40
CA ASN D 144 4.79 27.71 -21.39
C ASN D 144 4.51 26.63 -20.37
N LEU D 145 3.23 26.35 -20.17
CA LEU D 145 2.80 25.31 -19.22
C LEU D 145 2.94 23.92 -19.83
N TYR D 146 2.67 23.81 -21.13
CA TYR D 146 2.79 22.54 -21.84
C TYR D 146 4.24 22.04 -21.83
N LYS D 147 5.18 22.98 -21.90
CA LYS D 147 6.60 22.64 -21.90
C LYS D 147 7.03 22.10 -20.54
N LYS D 148 6.30 22.49 -19.50
CA LYS D 148 6.58 22.02 -18.15
C LYS D 148 6.05 20.60 -17.95
N LEU D 149 4.97 20.28 -18.66
CA LEU D 149 4.37 18.96 -18.57
C LEU D 149 4.37 18.26 -19.93
N SER D 150 5.56 17.88 -20.39
CA SER D 150 5.72 17.21 -21.67
C SER D 150 5.11 15.81 -21.65
N HIS D 151 5.07 15.21 -20.47
CA HIS D 151 4.55 13.86 -20.30
C HIS D 151 3.04 13.79 -20.57
N ARG D 152 2.33 14.86 -20.21
CA ARG D 152 0.89 14.91 -20.42
C ARG D 152 0.54 15.61 -21.73
N ASP D 153 -0.49 15.10 -22.39
CA ASP D 153 -1.00 15.71 -23.62
C ASP D 153 -1.43 17.16 -23.38
N ALA D 154 -1.15 18.03 -24.33
CA ALA D 154 -1.43 19.46 -24.21
C ALA D 154 -2.93 19.74 -24.08
N LYS D 155 -3.75 18.91 -24.74
CA LYS D 155 -5.19 19.08 -24.69
C LYS D 155 -5.73 18.71 -23.31
N SER D 156 -5.02 17.80 -22.65
CA SER D 156 -5.40 17.34 -21.31
C SER D 156 -5.22 18.46 -20.29
N ILE D 157 -4.10 19.18 -20.43
CA ILE D 157 -3.80 20.31 -19.57
C ILE D 157 -4.82 21.44 -19.77
N TYR D 158 -5.10 21.73 -21.04
CA TYR D 158 -6.04 22.79 -21.42
C TYR D 158 -7.39 22.64 -20.74
N HIS D 159 -7.98 21.45 -20.82
CA HIS D 159 -9.28 21.20 -20.21
C HIS D 159 -9.21 21.26 -18.69
N HIS D 160 -8.13 20.74 -18.12
CA HIS D 160 -7.97 20.71 -16.67
C HIS D 160 -7.83 22.11 -16.09
N VAL D 161 -7.02 22.94 -16.74
CA VAL D 161 -6.80 24.31 -16.28
C VAL D 161 -8.11 25.10 -16.29
N ARG D 162 -8.88 24.95 -17.35
CA ARG D 162 -10.16 25.65 -17.47
C ARG D 162 -11.13 25.23 -16.38
N ARG D 163 -11.12 23.95 -16.04
CA ARG D 163 -12.00 23.44 -15.00
C ARG D 163 -11.56 23.92 -13.63
N ALA D 164 -10.25 23.85 -13.37
CA ALA D 164 -9.71 24.25 -12.08
C ALA D 164 -9.83 25.75 -11.86
N TYR D 165 -9.84 26.50 -12.95
CA TYR D 165 -9.94 27.96 -12.87
C TYR D 165 -11.12 28.46 -13.68
N ASN D 166 -12.29 28.48 -13.06
CA ASN D 166 -13.52 28.92 -13.71
C ASN D 166 -14.16 30.09 -12.96
N PRO D 167 -14.78 31.01 -13.69
CA PRO D 167 -15.47 32.17 -13.12
C PRO D 167 -16.76 31.79 -12.39
N PHE D 168 -17.33 30.64 -12.76
CA PHE D 168 -18.59 30.19 -12.20
C PHE D 168 -18.44 29.79 -10.74
N GLU D 169 -19.54 29.90 -9.99
CA GLU D 169 -19.55 29.51 -8.59
C GLU D 169 -19.52 27.99 -8.46
N ASP D 170 -18.36 27.46 -8.03
CA ASP D 170 -18.19 26.02 -7.89
C ASP D 170 -19.10 25.46 -6.82
N ARG D 171 -19.41 26.28 -5.81
CA ARG D 171 -20.30 25.87 -4.74
C ARG D 171 -21.76 26.05 -5.14
N CYS D 172 -22.36 24.97 -5.65
CA CYS D 172 -23.75 25.00 -6.07
C CYS D 172 -24.35 23.60 -6.13
N VAL D 173 -25.52 23.43 -5.51
CA VAL D 173 -26.24 22.17 -5.54
C VAL D 173 -27.58 22.37 -6.26
N TRP D 174 -27.93 21.40 -7.11
CA TRP D 174 -29.13 21.52 -7.93
C TRP D 174 -30.42 21.39 -7.13
N SER D 175 -31.10 22.51 -6.92
CA SER D 175 -32.40 22.49 -6.27
C SER D 175 -33.48 22.11 -7.28
N LYS D 176 -34.70 21.92 -6.79
CA LYS D 176 -35.82 21.53 -7.65
C LYS D 176 -36.12 22.59 -8.69
N GLU D 177 -35.92 23.86 -8.31
CA GLU D 177 -36.19 24.99 -9.18
C GLU D 177 -35.00 25.27 -10.11
N GLU D 178 -33.81 24.89 -9.66
CA GLU D 178 -32.62 25.04 -10.49
C GLU D 178 -32.69 24.08 -11.67
N ASP D 179 -33.19 22.87 -11.41
CA ASP D 179 -33.37 21.88 -12.46
C ASP D 179 -34.44 22.34 -13.43
N GLU D 180 -35.49 22.93 -12.89
CA GLU D 180 -36.59 23.44 -13.69
C GLU D 180 -36.11 24.59 -14.58
N GLU D 181 -35.26 25.46 -14.02
CA GLU D 181 -34.71 26.57 -14.77
C GLU D 181 -33.78 26.06 -15.88
N LEU D 182 -33.10 24.93 -15.61
CA LEU D 182 -32.26 24.30 -16.62
C LEU D 182 -33.10 23.76 -17.77
N ARG D 183 -34.18 23.06 -17.43
CA ARG D 183 -35.11 22.53 -18.42
C ARG D 183 -35.64 23.64 -19.32
N LYS D 184 -35.96 24.77 -18.71
CA LYS D 184 -36.52 25.90 -19.45
C LYS D 184 -35.48 26.54 -20.37
N ASN D 185 -34.22 26.52 -19.95
CA ASN D 185 -33.16 27.10 -20.76
C ASN D 185 -32.78 26.22 -21.94
N VAL D 186 -32.96 24.91 -21.79
CA VAL D 186 -32.65 23.98 -22.86
C VAL D 186 -33.69 24.07 -23.97
N VAL D 187 -34.96 24.20 -23.60
CA VAL D 187 -36.04 24.31 -24.58
C VAL D 187 -36.08 25.71 -25.21
N GLU D 188 -35.26 26.61 -24.69
CA GLU D 188 -35.22 27.98 -25.19
C GLU D 188 -33.99 28.24 -26.07
N HIS D 189 -32.85 27.67 -25.69
CA HIS D 189 -31.61 27.95 -26.38
C HIS D 189 -30.94 26.70 -26.93
N GLY D 190 -31.58 25.55 -26.76
CA GLY D 190 -31.00 24.30 -27.22
C GLY D 190 -29.90 23.84 -26.29
N LYS D 191 -29.09 22.90 -26.75
CA LYS D 191 -28.02 22.36 -25.92
C LYS D 191 -26.74 23.19 -26.01
N CYS D 192 -26.88 24.48 -25.71
CA CYS D 192 -25.73 25.40 -25.68
C CYS D 192 -25.27 25.62 -24.25
N TRP D 193 -24.42 24.72 -23.76
CA TRP D 193 -24.08 24.69 -22.33
C TRP D 193 -23.27 25.88 -21.86
N THR D 194 -22.48 26.48 -22.74
CA THR D 194 -21.70 27.67 -22.37
C THR D 194 -22.61 28.88 -22.21
N LYS D 195 -23.57 29.03 -23.12
CA LYS D 195 -24.50 30.15 -23.06
C LYS D 195 -25.41 30.05 -21.84
N ILE D 196 -25.92 28.85 -21.61
CA ILE D 196 -26.77 28.57 -20.46
C ILE D 196 -25.97 28.71 -19.17
N GLY D 197 -24.72 28.25 -19.22
CA GLY D 197 -23.84 28.32 -18.07
C GLY D 197 -23.60 29.75 -17.61
N ARG D 198 -23.45 30.67 -18.55
CA ARG D 198 -23.26 32.07 -18.24
C ARG D 198 -24.50 32.64 -17.56
N LYS D 199 -25.67 32.21 -18.03
CA LYS D 199 -26.93 32.69 -17.49
C LYS D 199 -27.17 32.23 -16.06
N MET D 200 -26.58 31.08 -15.70
CA MET D 200 -26.81 30.49 -14.39
C MET D 200 -25.60 30.57 -13.46
N ALA D 201 -24.51 31.16 -13.93
CA ALA D 201 -23.27 31.26 -13.17
C ALA D 201 -22.80 29.88 -12.72
N ARG D 202 -23.08 28.87 -13.54
CA ARG D 202 -22.62 27.51 -13.26
C ARG D 202 -21.86 26.99 -14.46
N MET D 203 -20.91 26.09 -14.20
CA MET D 203 -20.05 25.55 -15.25
C MET D 203 -20.84 24.78 -16.30
N PRO D 204 -20.58 25.06 -17.59
CA PRO D 204 -21.25 24.41 -18.72
C PRO D 204 -21.20 22.89 -18.63
N ASN D 205 -20.10 22.35 -18.11
CA ASN D 205 -19.95 20.93 -17.97
C ASN D 205 -20.91 20.38 -16.90
N ASP D 206 -21.19 21.17 -15.88
CA ASP D 206 -22.14 20.80 -14.85
C ASP D 206 -23.56 20.82 -15.38
N CYS D 207 -23.86 21.82 -16.21
CA CYS D 207 -25.18 21.93 -16.82
C CYS D 207 -25.44 20.76 -17.76
N ARG D 208 -24.40 20.31 -18.44
CA ARG D 208 -24.52 19.15 -19.32
C ARG D 208 -24.83 17.91 -18.51
N ASP D 209 -24.03 17.64 -17.49
CA ASP D 209 -24.18 16.45 -16.65
C ASP D 209 -25.54 16.41 -15.98
N ARG D 210 -26.04 17.56 -15.56
CA ARG D 210 -27.34 17.64 -14.91
C ARG D 210 -28.45 17.33 -15.91
N TRP D 211 -28.36 17.92 -17.08
CA TRP D 211 -29.38 17.68 -18.11
C TRP D 211 -29.39 16.21 -18.54
N ARG D 212 -28.26 15.75 -19.07
CA ARG D 212 -28.17 14.42 -19.67
C ARG D 212 -28.53 13.26 -18.73
N ASP D 213 -28.06 13.32 -17.49
CA ASP D 213 -28.21 12.20 -16.58
C ASP D 213 -29.41 12.36 -15.64
N VAL D 214 -29.98 13.56 -15.57
CA VAL D 214 -31.10 13.80 -14.67
C VAL D 214 -32.31 14.42 -15.36
N VAL D 215 -32.18 15.68 -15.78
CA VAL D 215 -33.33 16.45 -16.24
C VAL D 215 -33.84 16.01 -17.63
N ARG D 216 -32.97 15.35 -18.41
CA ARG D 216 -33.36 14.78 -19.71
C ARG D 216 -34.64 13.96 -19.57
N PHE D 217 -34.70 13.14 -18.53
CA PHE D 217 -35.90 12.41 -18.17
C PHE D 217 -36.70 13.24 -17.18
N GLY D 218 -37.97 13.50 -17.49
CA GLY D 218 -38.83 14.24 -16.59
C GLY D 218 -39.16 13.43 -15.36
N ASP D 219 -40.38 12.90 -15.32
CA ASP D 219 -40.80 12.03 -14.24
C ASP D 219 -40.67 10.58 -14.68
N LYS D 220 -40.21 10.38 -15.91
CA LYS D 220 -40.14 9.06 -16.53
C LYS D 220 -39.04 8.20 -15.93
N LEU D 221 -38.12 8.84 -15.22
CA LEU D 221 -36.99 8.15 -14.60
C LEU D 221 -37.45 7.21 -13.49
N LYS D 222 -37.06 5.94 -13.58
CA LYS D 222 -37.45 4.95 -12.57
C LYS D 222 -36.32 4.68 -11.58
N ARG D 223 -36.71 4.46 -10.33
CA ARG D 223 -35.75 4.14 -9.27
C ARG D 223 -35.95 2.70 -8.80
N ASN D 224 -37.13 2.15 -9.09
CA ASN D 224 -37.45 0.78 -8.71
C ASN D 224 -36.67 -0.25 -9.52
N ALA D 225 -36.81 -1.52 -9.16
CA ALA D 225 -36.15 -2.60 -9.88
C ALA D 225 -36.69 -2.73 -11.30
N TRP D 226 -35.88 -3.28 -12.19
CA TRP D 226 -36.27 -3.42 -13.60
C TRP D 226 -37.37 -4.47 -13.78
N SER D 227 -38.17 -4.30 -14.83
CA SER D 227 -39.15 -5.30 -15.21
C SER D 227 -38.57 -6.21 -16.28
N LEU D 228 -39.20 -7.36 -16.50
CA LEU D 228 -38.75 -8.29 -17.53
C LEU D 228 -38.80 -7.63 -18.90
N GLU D 229 -39.75 -6.72 -19.07
CA GLU D 229 -39.90 -5.98 -20.32
C GLU D 229 -38.75 -4.99 -20.50
N GLU D 230 -38.46 -4.21 -19.46
CA GLU D 230 -37.34 -3.27 -19.50
C GLU D 230 -36.02 -3.98 -19.75
N GLU D 231 -35.86 -5.14 -19.13
CA GLU D 231 -34.62 -5.92 -19.25
C GLU D 231 -34.47 -6.52 -20.64
N THR D 232 -35.59 -6.89 -21.26
CA THR D 232 -35.57 -7.43 -22.61
C THR D 232 -35.46 -6.29 -23.62
N GLN D 233 -36.07 -5.16 -23.29
CA GLN D 233 -36.00 -3.97 -24.15
C GLN D 233 -34.61 -3.36 -24.10
N LEU D 234 -33.91 -3.55 -23.00
CA LEU D 234 -32.54 -3.09 -22.87
C LEU D 234 -31.65 -3.84 -23.85
N LEU D 235 -31.99 -5.10 -24.10
CA LEU D 235 -31.23 -5.94 -25.02
C LEU D 235 -31.57 -5.62 -26.49
N GLN D 236 -32.08 -4.41 -26.72
CA GLN D 236 -32.30 -3.91 -28.07
C GLN D 236 -31.04 -3.21 -28.56
N ILE D 237 -29.94 -3.38 -27.83
CA ILE D 237 -28.65 -2.84 -28.23
C ILE D 237 -28.05 -3.71 -29.33
N VAL D 238 -28.63 -4.89 -29.52
CA VAL D 238 -28.18 -5.82 -30.55
C VAL D 238 -28.53 -5.32 -31.94
N ALA D 239 -29.35 -4.27 -32.00
CA ALA D 239 -29.71 -3.64 -33.27
C ALA D 239 -28.54 -2.82 -33.80
N GLU D 240 -27.44 -2.77 -33.04
CA GLU D 240 -26.27 -1.99 -33.41
C GLU D 240 -25.01 -2.84 -33.34
N ASP D 250 -17.73 -0.11 -28.47
CA ASP D 250 -18.51 -0.87 -29.43
C ASP D 250 -20.00 -0.53 -29.29
N ILE D 251 -20.34 0.17 -28.22
CA ILE D 251 -21.74 0.51 -27.96
C ILE D 251 -21.89 1.84 -27.21
N ASN D 252 -22.80 2.69 -27.68
CA ASN D 252 -23.04 3.99 -27.09
C ASN D 252 -24.19 3.97 -26.08
N TRP D 253 -23.84 4.07 -24.79
CA TRP D 253 -24.83 3.93 -23.72
C TRP D 253 -25.72 5.16 -23.57
N THR D 254 -25.26 6.31 -24.05
CA THR D 254 -26.06 7.52 -23.99
C THR D 254 -27.28 7.37 -24.89
N LEU D 255 -27.10 6.68 -26.01
CA LEU D 255 -28.18 6.46 -26.96
C LEU D 255 -29.12 5.36 -26.50
N VAL D 256 -28.58 4.40 -25.77
CA VAL D 256 -29.38 3.30 -25.22
C VAL D 256 -30.40 3.82 -24.23
N ALA D 257 -29.95 4.69 -23.34
CA ALA D 257 -30.81 5.28 -22.31
C ALA D 257 -31.89 6.15 -22.95
N GLN D 258 -31.52 6.89 -23.99
CA GLN D 258 -32.44 7.75 -24.72
C GLN D 258 -33.54 6.92 -25.38
N MET D 259 -33.18 5.74 -25.88
CA MET D 259 -34.12 4.86 -26.54
C MET D 259 -34.98 4.10 -25.53
N LEU D 260 -34.35 3.64 -24.46
CA LEU D 260 -35.07 2.96 -23.39
C LEU D 260 -35.99 3.93 -22.66
N GLY D 261 -35.46 5.10 -22.33
CA GLY D 261 -36.26 6.19 -21.79
C GLY D 261 -36.55 6.14 -20.31
N THR D 262 -36.31 4.99 -19.68
CA THR D 262 -36.66 4.81 -18.29
C THR D 262 -35.45 4.72 -17.36
N ARG D 263 -34.27 4.56 -17.95
CA ARG D 263 -33.05 4.33 -17.18
C ARG D 263 -31.87 5.17 -17.66
N THR D 264 -31.00 5.57 -16.74
CA THR D 264 -29.82 6.36 -17.06
C THR D 264 -28.85 5.56 -17.92
N ARG D 265 -27.95 6.24 -18.62
CA ARG D 265 -26.95 5.56 -19.44
C ARG D 265 -26.09 4.64 -18.60
N LEU D 266 -25.78 5.08 -17.38
CA LEU D 266 -24.97 4.28 -16.46
C LEU D 266 -25.77 3.12 -15.86
N GLN D 267 -27.07 3.33 -15.70
CA GLN D 267 -27.94 2.26 -15.24
C GLN D 267 -28.08 1.19 -16.31
N CYS D 268 -28.20 1.63 -17.56
CA CYS D 268 -28.27 0.71 -18.70
C CYS D 268 -26.96 -0.04 -18.87
N ARG D 269 -25.86 0.69 -18.76
CA ARG D 269 -24.54 0.09 -18.85
C ARG D 269 -24.35 -0.96 -17.75
N TYR D 270 -24.70 -0.61 -16.53
CA TYR D 270 -24.52 -1.51 -15.39
C TYR D 270 -25.40 -2.74 -15.49
N LYS D 271 -26.67 -2.54 -15.82
CA LYS D 271 -27.63 -3.65 -15.92
C LYS D 271 -27.22 -4.65 -16.99
N PHE D 272 -26.75 -4.14 -18.13
CA PHE D 272 -26.36 -5.00 -19.23
C PHE D 272 -25.14 -5.84 -18.86
N GLN D 273 -24.25 -5.26 -18.07
CA GLN D 273 -23.08 -5.98 -17.59
C GLN D 273 -23.48 -7.10 -16.65
N GLN D 274 -24.52 -6.87 -15.86
CA GLN D 274 -24.99 -7.85 -14.89
C GLN D 274 -25.75 -8.99 -15.58
N LEU D 275 -26.44 -8.67 -16.66
CA LEU D 275 -27.15 -9.70 -17.43
C LEU D 275 -26.18 -10.58 -18.19
N THR D 276 -25.12 -9.99 -18.71
CA THR D 276 -24.19 -10.70 -19.59
C THR D 276 -22.93 -11.14 -18.86
N LYS D 277 -22.92 -11.06 -17.53
CA LYS D 277 -21.77 -11.49 -16.75
C LYS D 277 -21.51 -12.97 -16.97
N ALA D 278 -20.25 -13.33 -17.18
CA ALA D 278 -19.86 -14.70 -17.54
C ALA D 278 -20.36 -15.71 -16.51
N ALA D 279 -21.28 -16.57 -16.94
CA ALA D 279 -21.94 -17.48 -16.02
C ALA D 279 -21.52 -18.94 -16.20
N SER D 280 -21.76 -19.75 -15.18
CA SER D 280 -21.60 -21.19 -15.29
C SER D 280 -22.50 -21.66 -16.44
N LYS D 281 -21.94 -22.49 -17.32
CA LYS D 281 -22.61 -22.86 -18.55
C LYS D 281 -23.98 -23.50 -18.31
N PHE D 282 -24.98 -23.04 -19.06
CA PHE D 282 -26.30 -23.65 -19.00
C PHE D 282 -26.43 -24.77 -20.03
N GLU D 283 -26.60 -25.99 -19.53
CA GLU D 283 -26.90 -27.13 -20.38
C GLU D 283 -28.33 -27.59 -20.09
N LEU D 284 -28.73 -28.72 -20.66
CA LEU D 284 -30.11 -29.19 -20.52
C LEU D 284 -30.53 -29.36 -19.07
N GLN D 285 -29.62 -29.88 -18.24
CA GLN D 285 -29.91 -30.12 -16.84
C GLN D 285 -30.24 -28.82 -16.11
N GLU D 286 -29.42 -27.80 -16.35
CA GLU D 286 -29.60 -26.50 -15.72
C GLU D 286 -30.83 -25.77 -16.29
N ASN D 287 -31.02 -25.89 -17.59
CA ASN D 287 -32.17 -25.27 -18.26
C ASN D 287 -33.49 -25.83 -17.75
N VAL D 288 -33.55 -27.16 -17.63
CA VAL D 288 -34.69 -27.83 -17.05
C VAL D 288 -34.95 -27.29 -15.65
N TRP D 289 -33.90 -27.27 -14.84
CA TRP D 289 -33.98 -26.79 -13.46
C TRP D 289 -34.49 -25.36 -13.40
N LEU D 290 -33.98 -24.51 -14.29
CA LEU D 290 -34.39 -23.11 -14.32
C LEU D 290 -35.86 -22.99 -14.69
N LEU D 291 -36.27 -23.70 -15.74
CA LEU D 291 -37.66 -23.63 -16.19
C LEU D 291 -38.60 -24.26 -15.17
N GLU D 292 -38.13 -25.27 -14.45
CA GLU D 292 -38.94 -25.92 -13.43
C GLU D 292 -39.22 -25.01 -12.25
N ARG D 293 -38.22 -24.20 -11.89
CA ARG D 293 -38.38 -23.25 -10.79
C ARG D 293 -39.29 -22.09 -11.23
N ILE D 294 -39.11 -21.64 -12.46
CA ILE D 294 -39.93 -20.58 -13.02
C ILE D 294 -41.38 -21.01 -13.15
N TYR D 295 -41.59 -22.25 -13.59
CA TYR D 295 -42.93 -22.78 -13.75
C TYR D 295 -43.67 -22.89 -12.42
N ASP D 296 -42.96 -23.38 -11.41
CA ASP D 296 -43.55 -23.55 -10.09
C ASP D 296 -43.98 -22.20 -9.49
N SER D 297 -43.30 -21.14 -9.88
CA SER D 297 -43.64 -19.80 -9.41
C SER D 297 -44.85 -19.27 -10.16
N LEU D 298 -44.96 -19.63 -11.44
CA LEU D 298 -46.11 -19.25 -12.24
C LEU D 298 -47.38 -19.92 -11.71
N LEU D 299 -47.23 -21.14 -11.22
CA LEU D 299 -48.37 -21.90 -10.68
C LEU D 299 -48.77 -21.43 -9.28
N ASN D 300 -47.79 -21.07 -8.46
CA ASN D 300 -48.05 -20.80 -7.05
C ASN D 300 -48.11 -19.31 -6.70
N ASN D 301 -47.75 -18.44 -7.64
CA ASN D 301 -47.73 -17.02 -7.37
C ASN D 301 -48.48 -16.17 -8.40
N GLY D 302 -49.57 -16.72 -8.94
CA GLY D 302 -50.40 -15.99 -9.88
C GLY D 302 -49.69 -15.59 -11.16
N GLY D 303 -48.98 -16.53 -11.76
CA GLY D 303 -48.31 -16.29 -13.03
C GLY D 303 -47.26 -15.20 -12.95
N LYS D 304 -46.59 -15.12 -11.81
CA LYS D 304 -45.48 -14.19 -11.62
C LYS D 304 -44.24 -14.93 -11.16
N ILE D 305 -43.08 -14.41 -11.52
CA ILE D 305 -41.81 -15.03 -11.16
C ILE D 305 -41.16 -14.33 -9.98
N HIS D 306 -41.14 -15.01 -8.84
CA HIS D 306 -40.44 -14.49 -7.66
C HIS D 306 -39.03 -15.03 -7.63
N TRP D 307 -38.08 -14.20 -8.06
CA TRP D 307 -36.70 -14.62 -8.25
C TRP D 307 -35.93 -14.84 -6.96
N GLU D 308 -36.42 -14.26 -5.87
CA GLU D 308 -35.71 -14.33 -4.59
C GLU D 308 -35.50 -15.78 -4.14
N ASN D 309 -36.52 -16.61 -4.31
CA ASN D 309 -36.41 -18.02 -3.96
C ASN D 309 -35.50 -18.78 -4.92
N ILE D 310 -35.58 -18.45 -6.20
CA ILE D 310 -34.79 -19.12 -7.22
C ILE D 310 -33.30 -18.85 -7.04
N VAL D 311 -32.97 -17.61 -6.67
CA VAL D 311 -31.59 -17.22 -6.37
C VAL D 311 -31.05 -18.03 -5.18
N LYS D 312 -31.89 -18.23 -4.18
CA LYS D 312 -31.51 -19.03 -3.01
C LYS D 312 -31.30 -20.49 -3.39
N GLU D 313 -32.16 -21.00 -4.28
CA GLU D 313 -32.06 -22.38 -4.75
C GLU D 313 -30.81 -22.61 -5.57
N ALA D 314 -30.33 -21.55 -6.24
CA ALA D 314 -29.16 -21.64 -7.09
C ALA D 314 -27.88 -21.71 -6.26
N ASN D 315 -28.01 -21.35 -4.99
CA ASN D 315 -26.92 -21.41 -4.02
C ASN D 315 -25.69 -20.61 -4.46
N GLY D 316 -25.91 -19.57 -5.25
CA GLY D 316 -24.83 -18.68 -5.64
C GLY D 316 -24.18 -19.02 -6.97
N ARG D 317 -24.74 -20.00 -7.66
CA ARG D 317 -24.19 -20.41 -8.95
C ARG D 317 -24.45 -19.35 -10.02
N TRP D 318 -25.61 -18.71 -9.95
CA TRP D 318 -25.94 -17.62 -10.85
C TRP D 318 -26.58 -16.46 -10.09
N THR D 319 -26.32 -15.23 -10.55
CA THR D 319 -27.03 -14.07 -10.02
C THR D 319 -28.45 -14.06 -10.59
N ARG D 320 -29.31 -13.25 -10.00
CA ARG D 320 -30.66 -13.07 -10.52
C ARG D 320 -30.61 -12.62 -11.98
N ASP D 321 -29.69 -11.71 -12.27
CA ASP D 321 -29.57 -11.13 -13.61
C ASP D 321 -29.09 -12.14 -14.65
N GLN D 322 -28.23 -13.05 -14.24
CA GLN D 322 -27.74 -14.09 -15.13
C GLN D 322 -28.86 -15.05 -15.52
N MET D 323 -29.62 -15.50 -14.53
CA MET D 323 -30.73 -16.43 -14.78
C MET D 323 -31.79 -15.80 -15.66
N LEU D 324 -32.12 -14.56 -15.33
CA LEU D 324 -33.07 -13.78 -16.11
C LEU D 324 -32.60 -13.62 -17.56
N PHE D 325 -31.31 -13.40 -17.74
CA PHE D 325 -30.73 -13.30 -19.07
C PHE D 325 -30.88 -14.61 -19.84
N GLN D 326 -30.73 -15.72 -19.12
CA GLN D 326 -30.82 -17.04 -19.75
C GLN D 326 -32.25 -17.37 -20.13
N PHE D 327 -33.19 -17.03 -19.26
CA PHE D 327 -34.62 -17.24 -19.52
C PHE D 327 -35.05 -16.51 -20.78
N ILE D 328 -34.59 -15.28 -20.92
CA ILE D 328 -34.87 -14.46 -22.10
C ILE D 328 -34.43 -15.15 -23.39
N ASN D 329 -33.22 -15.69 -23.39
CA ASN D 329 -32.73 -16.41 -24.56
C ASN D 329 -33.42 -17.75 -24.75
N LEU D 330 -33.83 -18.38 -23.65
CA LEU D 330 -34.56 -19.63 -23.73
C LEU D 330 -35.95 -19.41 -24.32
N LYS D 331 -36.56 -18.29 -23.98
CA LYS D 331 -37.87 -17.93 -24.50
C LYS D 331 -37.80 -17.66 -26.00
N LYS D 332 -36.62 -17.30 -26.48
CA LYS D 332 -36.41 -16.94 -27.87
C LYS D 332 -36.08 -18.16 -28.73
N MET D 333 -35.45 -19.15 -28.10
CA MET D 333 -34.98 -20.33 -28.83
C MET D 333 -36.01 -21.47 -28.82
N ILE D 334 -36.60 -21.72 -27.65
CA ILE D 334 -37.57 -22.81 -27.49
C ILE D 334 -38.86 -22.52 -28.27
N PRO D 335 -39.24 -23.44 -29.16
CA PRO D 335 -40.42 -23.28 -30.02
C PRO D 335 -41.72 -23.12 -29.23
N SER D 336 -41.78 -23.73 -28.05
CA SER D 336 -42.99 -23.72 -27.22
C SER D 336 -43.52 -22.31 -26.96
N TYR D 337 -42.60 -21.36 -26.81
CA TYR D 337 -42.97 -20.00 -26.44
C TYR D 337 -43.60 -19.23 -27.59
N ASP D 338 -43.43 -19.76 -28.82
CA ASP D 338 -44.06 -19.15 -29.98
C ASP D 338 -45.41 -19.80 -30.28
N ASN D 339 -45.69 -20.91 -29.61
CA ASN D 339 -46.92 -21.65 -29.83
C ASN D 339 -47.93 -21.44 -28.72
N LEU D 340 -47.43 -21.08 -27.54
CA LEU D 340 -48.25 -21.11 -26.33
C LEU D 340 -48.02 -19.88 -25.45
N PRO D 341 -49.00 -19.55 -24.59
CA PRO D 341 -48.79 -18.51 -23.59
C PRO D 341 -47.75 -18.92 -22.57
N LEU D 342 -47.20 -17.95 -21.84
CA LEU D 342 -46.09 -18.17 -20.90
C LEU D 342 -46.23 -19.41 -20.02
N LEU D 343 -47.40 -19.61 -19.44
CA LEU D 343 -47.62 -20.74 -18.55
C LEU D 343 -47.46 -22.08 -19.27
N GLU D 344 -48.30 -22.32 -20.27
CA GLU D 344 -48.30 -23.58 -20.99
C GLU D 344 -47.02 -23.79 -21.80
N ALA D 345 -46.43 -22.70 -22.28
CA ALA D 345 -45.20 -22.78 -23.05
C ALA D 345 -44.04 -23.29 -22.19
N THR D 346 -43.99 -22.80 -20.95
CA THR D 346 -42.98 -23.24 -20.00
C THR D 346 -43.16 -24.70 -19.66
N LYS D 347 -44.41 -25.11 -19.46
CA LYS D 347 -44.70 -26.50 -19.14
C LYS D 347 -44.38 -27.40 -20.33
N SER D 348 -44.58 -26.87 -21.54
CA SER D 348 -44.25 -27.61 -22.76
C SER D 348 -42.75 -27.68 -22.97
N ALA D 349 -42.04 -26.62 -22.59
CA ALA D 349 -40.59 -26.57 -22.73
C ALA D 349 -39.92 -27.58 -21.82
N ILE D 350 -40.43 -27.69 -20.60
CA ILE D 350 -39.90 -28.64 -19.63
C ILE D 350 -40.13 -30.07 -20.11
N ASP D 351 -41.36 -30.33 -20.58
CA ASP D 351 -41.71 -31.64 -21.13
C ASP D 351 -40.81 -32.02 -22.30
N ASP D 352 -40.54 -31.06 -23.18
CA ASP D 352 -39.74 -31.32 -24.36
C ASP D 352 -38.28 -31.59 -24.00
N PHE D 353 -37.78 -30.87 -23.01
CA PHE D 353 -36.42 -31.08 -22.54
C PHE D 353 -36.27 -32.47 -21.92
N LYS D 354 -37.31 -32.91 -21.22
CA LYS D 354 -37.28 -34.21 -20.52
C LYS D 354 -37.31 -35.38 -21.48
N VAL D 355 -37.91 -35.19 -22.65
CA VAL D 355 -37.93 -36.22 -23.67
C VAL D 355 -36.52 -36.46 -24.20
N VAL D 356 -35.77 -35.38 -24.41
CA VAL D 356 -34.40 -35.46 -24.87
C VAL D 356 -33.51 -36.15 -23.85
N LEU D 357 -33.79 -35.91 -22.57
CA LEU D 357 -32.98 -36.45 -21.48
C LEU D 357 -33.27 -37.93 -21.20
N SER D 358 -33.90 -38.61 -22.16
CA SER D 358 -34.19 -40.03 -22.02
C SER D 358 -34.37 -40.70 -23.38
#